data_6HZM
#
_entry.id   6HZM
#
_cell.length_a   1.000
_cell.length_b   1.000
_cell.length_c   1.000
_cell.angle_alpha   90.00
_cell.angle_beta   90.00
_cell.angle_gamma   90.00
#
_symmetry.space_group_name_H-M   'P 1'
#
loop_
_entity.id
_entity.type
_entity.pdbx_description
1 polymer 'ATP-binding cassette sub-family G member 2'
2 non-polymer "ADENOSINE-5'-TRIPHOSPHATE"
3 non-polymer 'MAGNESIUM ION'
4 water water
#
_entity_poly.entity_id   1
_entity_poly.type   'polypeptide(L)'
_entity_poly.pdbx_seq_one_letter_code
;MSSSNVEVFIPVSQGNTNGFPATASNDLKAFTEGAVLSFHNICYRVKLKSGFLPCRKPVEKEILSNINGIMKPGLNAILG
PTGGGKSSLLDVLAARKDPSGLSGDVLINGAPRPANFKCNSGYVVQDDVVMGTLTVRENLQFSAALRLATTMTNHEKNER
INRVIQELGLDKVADSKVGTQFIRGVSGGERKRTSIGMELITDPSILFLDQPTTGLDSSTANAVLLLLKRMSKQGRTIIF
SIHQPRYSIFKLFDSLTLLASGRLMFHGPAQEALGYFESAGYHCEAYNNPADFFLDIINGDSTAVALNREEDFKATEIIE
PSKQDKPLIEKLAEIYVNSSFYKETKAELHQLSGGEKKKKITVFKEISYTTSFCHQLRWVSKRSFKNLLGNPQASIAQII
VTVVLGLVIGAIYFGLKNDSTGIQNRAGVLFFLTTNQCFSSVSAVELFVVEKKLFIHEYISGYYRVSSYFLGKLLSDLLP
MRMLPSIIFTCIVYFMLGLKPKADAFFVMMFTLMMVAYSASSMALAIAAGQSVVSVATLLMTICFVFMMIFSGLLVNLTT
IASWLSWLQYFSIPRYGFTALQHNEFLGQNFCPGLNATGNNPCNYATCTGEEYLVKQGIDLSPWGLWKNHVALACMIVIF
LTIAYLKLLFLKKYS
;
_entity_poly.pdbx_strand_id   A,B
#
loop_
_chem_comp.id
_chem_comp.type
_chem_comp.name
_chem_comp.formula
ATP non-polymer ADENOSINE-5'-TRIPHOSPHATE 'C10 H16 N5 O13 P3'
MG non-polymer 'MAGNESIUM ION' 'Mg 2'
#
# COMPACT_ATOMS: atom_id res chain seq x y z
N GLY A 34 24.26 -8.95 32.96
CA GLY A 34 23.20 -9.29 32.04
C GLY A 34 21.85 -8.76 32.49
N ALA A 35 20.88 -8.76 31.58
CA ALA A 35 19.55 -8.24 31.88
C ALA A 35 18.61 -9.41 32.16
N VAL A 36 17.97 -9.38 33.31
CA VAL A 36 17.02 -10.40 33.72
C VAL A 36 15.64 -9.83 33.48
N LEU A 37 15.06 -10.12 32.32
CA LEU A 37 13.71 -9.68 32.02
C LEU A 37 12.72 -10.61 32.71
N SER A 38 11.76 -10.02 33.41
CA SER A 38 10.80 -10.77 34.22
C SER A 38 9.41 -10.37 33.79
N PHE A 39 8.48 -11.32 33.82
CA PHE A 39 7.09 -11.01 33.49
C PHE A 39 6.20 -11.80 34.44
N HIS A 40 5.22 -11.10 35.02
CA HIS A 40 4.51 -11.58 36.19
C HIS A 40 3.04 -11.27 36.03
N ASN A 41 2.21 -12.32 36.05
CA ASN A 41 0.74 -12.24 35.95
C ASN A 41 0.30 -11.54 34.67
N ILE A 42 0.98 -11.86 33.57
CA ILE A 42 0.70 -11.20 32.30
C ILE A 42 -0.60 -11.74 31.74
N CYS A 43 -1.58 -10.87 31.53
CA CYS A 43 -2.77 -11.20 30.78
C CYS A 43 -2.92 -10.20 29.64
N TYR A 44 -3.68 -10.59 28.62
CA TYR A 44 -3.93 -9.71 27.50
C TYR A 44 -5.38 -9.87 27.09
N ARG A 45 -5.89 -8.88 26.36
CA ARG A 45 -7.27 -8.89 25.89
C ARG A 45 -7.35 -8.08 24.61
N VAL A 46 -8.19 -8.53 23.69
CA VAL A 46 -8.34 -7.93 22.37
C VAL A 46 -9.83 -7.72 22.13
N LYS A 47 -10.22 -6.49 21.81
CA LYS A 47 -11.59 -6.18 21.45
C LYS A 47 -11.76 -6.42 19.96
N LEU A 48 -12.72 -7.26 19.59
CA LEU A 48 -12.99 -7.55 18.20
C LEU A 48 -14.20 -6.77 17.68
N PRO A 58 -16.25 -3.37 22.19
CA PRO A 58 -17.05 -4.51 21.74
C PRO A 58 -16.83 -5.75 22.61
N VAL A 59 -16.80 -6.91 21.95
CA VAL A 59 -16.60 -8.17 22.64
C VAL A 59 -15.10 -8.44 22.76
N GLU A 60 -14.66 -8.79 23.98
CA GLU A 60 -13.25 -8.98 24.26
C GLU A 60 -12.89 -10.45 24.13
N LYS A 61 -11.67 -10.71 23.68
CA LYS A 61 -11.14 -12.06 23.56
C LYS A 61 -9.85 -12.15 24.36
N GLU A 62 -9.70 -13.21 25.15
CA GLU A 62 -8.54 -13.36 26.04
C GLU A 62 -7.48 -14.19 25.32
N ILE A 63 -6.69 -13.49 24.52
CA ILE A 63 -5.36 -13.96 24.17
C ILE A 63 -4.51 -13.83 25.41
N LEU A 64 -3.62 -14.80 25.65
CA LEU A 64 -2.65 -14.72 26.75
C LEU A 64 -3.26 -14.65 28.14
N SER A 65 -3.73 -15.77 28.69
CA SER A 65 -4.13 -15.84 30.09
C SER A 65 -2.87 -15.79 30.98
N ASN A 66 -3.04 -16.10 32.28
CA ASN A 66 -2.02 -15.90 33.32
C ASN A 66 -0.67 -16.53 33.02
N ILE A 67 0.34 -15.69 32.82
CA ILE A 67 1.63 -16.12 32.30
C ILE A 67 2.72 -15.48 33.14
N ASN A 68 3.58 -16.31 33.73
CA ASN A 68 4.64 -15.87 34.62
C ASN A 68 5.93 -16.49 34.15
N GLY A 69 7.03 -15.75 34.27
CA GLY A 69 8.31 -16.30 33.86
C GLY A 69 9.43 -15.32 34.09
N ILE A 70 10.65 -15.84 33.93
CA ILE A 70 11.90 -15.11 34.10
C ILE A 70 12.80 -15.50 32.94
N MET A 71 13.46 -14.51 32.33
CA MET A 71 14.32 -14.75 31.18
C MET A 71 15.70 -14.17 31.45
N LYS A 72 16.59 -15.00 32.00
CA LYS A 72 17.93 -14.61 32.38
C LYS A 72 18.83 -14.54 31.14
N PRO A 73 19.99 -13.88 31.24
CA PRO A 73 20.90 -13.78 30.08
C PRO A 73 21.36 -15.13 29.56
N GLY A 74 20.97 -15.43 28.33
CA GLY A 74 21.23 -16.68 27.67
C GLY A 74 20.44 -16.75 26.39
N LEU A 75 19.86 -17.91 26.08
CA LEU A 75 19.14 -18.14 24.84
C LEU A 75 17.79 -18.73 25.22
N ASN A 76 16.74 -17.91 25.22
CA ASN A 76 15.43 -18.27 25.73
C ASN A 76 14.46 -18.48 24.56
N ALA A 77 14.04 -19.72 24.36
CA ALA A 77 13.14 -20.05 23.26
C ALA A 77 11.70 -20.17 23.74
N ILE A 78 10.77 -19.80 22.86
CA ILE A 78 9.34 -19.96 23.11
C ILE A 78 8.79 -20.87 22.01
N LEU A 79 8.35 -22.06 22.38
CA LEU A 79 7.76 -23.02 21.46
C LEU A 79 6.26 -23.06 21.65
N GLY A 80 5.56 -23.58 20.65
CA GLY A 80 4.14 -23.76 20.75
C GLY A 80 3.45 -23.86 19.40
N PRO A 81 2.16 -24.16 19.40
CA PRO A 81 1.42 -24.27 18.14
C PRO A 81 1.16 -22.91 17.51
N THR A 82 0.56 -22.96 16.33
CA THR A 82 0.16 -21.74 15.65
C THR A 82 -1.13 -21.21 16.26
N GLY A 83 -1.12 -19.94 16.62
CA GLY A 83 -2.21 -19.38 17.38
C GLY A 83 -2.07 -19.54 18.87
N GLY A 84 -0.90 -19.95 19.36
CA GLY A 84 -0.73 -20.17 20.78
C GLY A 84 -0.52 -18.93 21.59
N GLY A 85 -0.12 -17.83 20.96
CA GLY A 85 0.12 -16.59 21.67
C GLY A 85 1.58 -16.26 21.78
N LYS A 86 2.39 -16.67 20.79
CA LYS A 86 3.83 -16.49 20.89
C LYS A 86 4.27 -15.11 20.43
N SER A 87 3.65 -14.58 19.38
CA SER A 87 3.93 -13.20 18.97
C SER A 87 3.20 -12.19 19.84
N SER A 88 2.21 -12.63 20.61
CA SER A 88 1.54 -11.77 21.56
C SER A 88 2.32 -11.66 22.86
N LEU A 89 2.94 -12.76 23.30
CA LEU A 89 3.80 -12.69 24.47
C LEU A 89 5.07 -11.92 24.18
N LEU A 90 5.56 -12.03 22.95
CA LEU A 90 6.83 -11.43 22.58
C LEU A 90 6.67 -9.95 22.27
N ASP A 91 5.44 -9.49 22.03
CA ASP A 91 5.10 -8.08 21.93
C ASP A 91 4.84 -7.43 23.28
N VAL A 92 4.24 -8.16 24.22
CA VAL A 92 4.08 -7.67 25.59
C VAL A 92 5.44 -7.45 26.23
N LEU A 93 6.35 -8.40 26.04
CA LEU A 93 7.67 -8.33 26.64
C LEU A 93 8.55 -7.28 25.98
N ALA A 94 8.29 -6.94 24.72
CA ALA A 94 9.03 -5.93 24.01
C ALA A 94 8.37 -4.56 24.06
N ALA A 95 7.32 -4.40 24.86
CA ALA A 95 6.60 -3.14 25.09
C ALA A 95 6.01 -2.57 23.80
N ARG A 96 5.26 -3.42 23.09
CA ARG A 96 4.68 -3.04 21.81
C ARG A 96 3.19 -3.33 21.76
N LYS A 97 2.58 -3.63 22.90
CA LYS A 97 1.14 -3.83 22.99
C LYS A 97 0.50 -2.60 23.64
N ASP A 98 -0.74 -2.36 23.27
CA ASP A 98 -1.56 -1.32 23.88
C ASP A 98 -1.81 -1.70 25.34
N PRO A 99 -1.41 -0.89 26.32
CA PRO A 99 -1.55 -1.30 27.72
C PRO A 99 -2.96 -1.23 28.27
N SER A 100 -3.97 -0.87 27.47
CA SER A 100 -5.34 -0.91 27.95
C SER A 100 -5.83 -2.33 28.11
N GLY A 101 -5.32 -3.26 27.31
CA GLY A 101 -5.65 -4.66 27.42
C GLY A 101 -4.68 -5.49 28.22
N LEU A 102 -3.57 -4.91 28.66
CA LEU A 102 -2.49 -5.66 29.29
C LEU A 102 -2.65 -5.58 30.80
N SER A 103 -2.45 -6.72 31.48
CA SER A 103 -2.88 -6.86 32.86
C SER A 103 -1.79 -7.41 33.76
N GLY A 104 -0.54 -7.05 33.51
CA GLY A 104 0.54 -7.49 34.37
C GLY A 104 1.68 -6.51 34.39
N ASP A 105 2.88 -6.95 34.79
CA ASP A 105 4.04 -6.08 34.78
C ASP A 105 5.27 -6.81 34.29
N VAL A 106 5.97 -6.18 33.35
CA VAL A 106 7.24 -6.65 32.84
C VAL A 106 8.34 -5.80 33.45
N LEU A 107 9.38 -6.44 33.97
CA LEU A 107 10.45 -5.73 34.68
C LEU A 107 11.79 -6.25 34.17
N ILE A 108 12.71 -5.32 33.92
CA ILE A 108 14.11 -5.66 33.65
C ILE A 108 14.92 -5.39 34.90
N ASN A 109 15.58 -6.44 35.39
CA ASN A 109 16.41 -6.43 36.60
C ASN A 109 15.63 -5.99 37.84
N GLY A 110 14.34 -6.32 37.89
CA GLY A 110 13.51 -5.97 39.03
C GLY A 110 12.98 -4.56 39.04
N ALA A 111 13.37 -3.73 38.09
CA ALA A 111 12.90 -2.37 37.90
C ALA A 111 12.07 -2.28 36.63
N PRO A 112 11.13 -1.33 36.53
CA PRO A 112 10.35 -1.22 35.30
C PRO A 112 11.18 -0.75 34.12
N ARG A 113 10.57 -0.80 32.94
CA ARG A 113 11.26 -0.50 31.70
C ARG A 113 11.59 1.00 31.63
N PRO A 114 12.81 1.34 31.23
CA PRO A 114 13.18 2.75 31.09
C PRO A 114 12.55 3.35 29.84
N ALA A 115 12.77 4.65 29.65
CA ALA A 115 12.28 5.33 28.47
C ALA A 115 13.16 5.05 27.25
N ASN A 116 14.45 4.83 27.46
CA ASN A 116 15.35 4.43 26.39
C ASN A 116 15.46 2.90 26.31
N PHE A 117 14.31 2.25 26.13
CA PHE A 117 14.28 0.80 25.98
C PHE A 117 14.33 0.40 24.51
N LYS A 118 13.65 1.15 23.64
CA LYS A 118 13.74 0.89 22.22
C LYS A 118 15.11 1.27 21.67
N CYS A 119 15.82 2.15 22.37
CA CYS A 119 17.17 2.54 22.01
C CYS A 119 18.22 1.69 22.72
N ASN A 120 17.80 0.62 23.37
CA ASN A 120 18.71 -0.31 24.03
C ASN A 120 18.36 -1.76 23.76
N SER A 121 17.28 -2.04 23.04
CA SER A 121 16.85 -3.38 22.73
C SER A 121 16.60 -3.49 21.24
N GLY A 122 16.39 -4.73 20.78
CA GLY A 122 16.06 -4.98 19.41
C GLY A 122 14.92 -5.96 19.31
N TYR A 123 14.00 -5.75 18.37
CA TYR A 123 12.91 -6.67 18.10
C TYR A 123 12.87 -6.92 16.61
N VAL A 124 13.28 -8.12 16.20
CA VAL A 124 13.09 -8.59 14.83
C VAL A 124 11.67 -9.13 14.74
N VAL A 125 10.82 -8.43 13.99
CA VAL A 125 9.43 -8.81 13.88
C VAL A 125 9.25 -9.84 12.77
N GLN A 126 8.09 -10.47 12.75
CA GLN A 126 7.86 -11.67 11.95
C GLN A 126 7.71 -11.39 10.46
N ASP A 127 7.12 -10.26 10.06
CA ASP A 127 6.70 -10.06 8.68
C ASP A 127 7.62 -9.15 7.87
N ASP A 128 8.84 -8.90 8.35
CA ASP A 128 9.96 -8.37 7.55
C ASP A 128 9.65 -6.99 6.93
N VAL A 129 9.51 -6.00 7.81
CA VAL A 129 9.26 -4.64 7.35
C VAL A 129 10.61 -4.06 6.92
N VAL A 130 10.93 -4.21 5.63
CA VAL A 130 12.20 -3.77 5.06
C VAL A 130 11.87 -2.82 3.91
N MET A 131 12.62 -1.74 3.77
CA MET A 131 12.44 -0.86 2.63
C MET A 131 12.93 -1.52 1.35
N GLY A 132 12.03 -1.70 0.39
CA GLY A 132 12.30 -2.40 -0.84
C GLY A 132 12.74 -1.55 -1.99
N THR A 133 13.06 -0.30 -1.77
CA THR A 133 13.73 0.48 -2.80
C THR A 133 15.18 0.68 -2.47
N LEU A 134 15.59 0.29 -1.28
CA LEU A 134 16.97 0.29 -0.88
C LEU A 134 17.57 -1.09 -1.11
N THR A 135 18.81 -1.25 -0.69
CA THR A 135 19.59 -2.43 -0.94
C THR A 135 19.75 -3.17 0.38
N VAL A 136 20.28 -4.40 0.33
CA VAL A 136 20.57 -5.13 1.55
C VAL A 136 21.65 -4.43 2.36
N ARG A 137 22.66 -3.88 1.68
CA ARG A 137 23.67 -3.11 2.40
C ARG A 137 23.17 -1.72 2.76
N GLU A 138 22.28 -1.15 1.94
CA GLU A 138 21.77 0.19 2.22
C GLU A 138 20.81 0.20 3.39
N ASN A 139 20.01 -0.85 3.56
CA ASN A 139 19.15 -0.95 4.72
C ASN A 139 19.95 -1.24 5.98
N LEU A 140 21.06 -1.94 5.85
CA LEU A 140 22.00 -2.13 6.95
C LEU A 140 22.80 -0.88 7.23
N GLN A 141 23.07 -0.06 6.22
CA GLN A 141 23.77 1.20 6.44
C GLN A 141 22.87 2.23 7.12
N PHE A 142 21.57 2.18 6.84
CA PHE A 142 20.65 3.14 7.43
C PHE A 142 20.44 2.87 8.92
N SER A 143 20.28 1.60 9.30
CA SER A 143 20.01 1.29 10.69
C SER A 143 21.28 1.31 11.53
N ALA A 144 22.45 1.16 10.92
CA ALA A 144 23.68 1.38 11.67
C ALA A 144 23.95 2.85 11.90
N ALA A 145 23.49 3.71 11.00
CA ALA A 145 23.74 5.13 11.13
C ALA A 145 22.88 5.80 12.18
N LEU A 146 21.66 5.32 12.39
CA LEU A 146 20.73 5.95 13.31
C LEU A 146 20.62 5.25 14.64
N ARG A 147 21.08 4.01 14.76
CA ARG A 147 20.93 3.26 15.99
C ARG A 147 22.25 2.86 16.62
N LEU A 148 23.38 3.24 16.03
CA LEU A 148 24.67 3.21 16.70
C LEU A 148 25.14 4.64 16.92
N ALA A 149 25.89 4.86 18.00
CA ALA A 149 26.31 6.20 18.36
C ALA A 149 27.38 6.70 17.40
N THR A 150 27.39 8.02 17.18
CA THR A 150 28.27 8.63 16.19
C THR A 150 29.67 8.89 16.72
N THR A 151 30.02 8.37 17.89
CA THR A 151 31.43 8.31 18.27
C THR A 151 32.18 7.28 17.43
N MET A 152 31.45 6.32 16.87
CA MET A 152 32.03 5.41 15.88
C MET A 152 32.07 6.09 14.52
N THR A 153 33.17 5.87 13.80
CA THR A 153 33.37 6.44 12.48
C THR A 153 32.38 5.81 11.50
N ASN A 154 32.07 6.54 10.42
CA ASN A 154 31.28 5.97 9.34
C ASN A 154 32.04 4.87 8.60
N HIS A 155 33.37 4.89 8.63
CA HIS A 155 34.15 3.78 8.11
C HIS A 155 34.05 2.56 9.00
N GLU A 156 34.06 2.76 10.32
CA GLU A 156 34.03 1.62 11.23
C GLU A 156 32.62 1.07 11.38
N LYS A 157 31.61 1.89 11.08
CA LYS A 157 30.24 1.39 11.01
C LYS A 157 30.07 0.44 9.83
N ASN A 158 30.69 0.76 8.70
CA ASN A 158 30.64 -0.11 7.53
C ASN A 158 31.51 -1.34 7.69
N GLU A 159 32.52 -1.31 8.56
CA GLU A 159 33.30 -2.50 8.83
C GLU A 159 32.50 -3.50 9.65
N ARG A 160 31.57 -3.01 10.48
CA ARG A 160 30.66 -3.87 11.21
C ARG A 160 29.49 -4.32 10.37
N ILE A 161 29.16 -3.59 9.30
CA ILE A 161 28.10 -4.02 8.39
C ILE A 161 28.60 -5.17 7.52
N ASN A 162 29.86 -5.11 7.11
CA ASN A 162 30.47 -6.20 6.35
C ASN A 162 30.60 -7.47 7.17
N ARG A 163 30.79 -7.33 8.48
CA ARG A 163 30.90 -8.51 9.35
C ARG A 163 29.55 -9.18 9.53
N VAL A 164 28.47 -8.41 9.53
CA VAL A 164 27.14 -8.97 9.69
C VAL A 164 26.63 -9.53 8.37
N ILE A 165 27.02 -8.95 7.25
CA ILE A 165 26.71 -9.51 5.94
C ILE A 165 27.43 -10.83 5.72
N GLN A 166 28.66 -10.94 6.22
CA GLN A 166 29.40 -12.20 6.10
C GLN A 166 28.85 -13.26 7.03
N GLU A 167 28.51 -12.88 8.27
CA GLU A 167 28.05 -13.85 9.26
C GLU A 167 26.64 -14.35 8.98
N LEU A 168 25.81 -13.56 8.32
CA LEU A 168 24.48 -14.01 7.94
C LEU A 168 24.42 -14.62 6.55
N GLY A 169 25.51 -14.59 5.79
CA GLY A 169 25.50 -15.19 4.48
C GLY A 169 24.78 -14.38 3.43
N LEU A 170 24.91 -13.06 3.50
CA LEU A 170 24.24 -12.16 2.58
C LEU A 170 25.19 -11.59 1.54
N ASP A 171 26.19 -12.36 1.12
CA ASP A 171 27.25 -11.80 0.29
C ASP A 171 26.80 -11.60 -1.14
N LYS A 172 26.09 -12.57 -1.72
CA LYS A 172 25.73 -12.47 -3.12
C LYS A 172 24.54 -11.54 -3.34
N VAL A 173 23.88 -11.08 -2.29
CA VAL A 173 22.75 -10.18 -2.42
C VAL A 173 22.96 -8.88 -1.65
N ALA A 174 24.19 -8.63 -1.17
CA ALA A 174 24.48 -7.43 -0.37
C ALA A 174 24.28 -6.15 -1.17
N ASP A 175 24.61 -6.15 -2.45
CA ASP A 175 24.42 -5.00 -3.30
C ASP A 175 23.29 -5.22 -4.29
N SER A 176 22.32 -6.05 -3.92
CA SER A 176 21.10 -6.32 -4.68
C SER A 176 19.89 -5.81 -3.91
N LYS A 177 18.90 -5.31 -4.63
CA LYS A 177 17.76 -4.63 -4.00
C LYS A 177 16.86 -5.62 -3.30
N VAL A 178 16.47 -5.28 -2.08
CA VAL A 178 15.31 -5.91 -1.46
C VAL A 178 14.11 -5.56 -2.32
N GLY A 179 13.24 -6.51 -2.54
CA GLY A 179 12.13 -6.25 -3.44
C GLY A 179 10.96 -5.58 -2.76
N THR A 180 10.08 -5.04 -3.60
CA THR A 180 8.75 -4.65 -3.18
C THR A 180 7.81 -5.78 -3.55
N GLN A 181 6.51 -5.56 -3.42
CA GLN A 181 5.53 -6.58 -3.75
C GLN A 181 5.17 -6.59 -5.23
N PHE A 182 5.79 -5.73 -6.02
CA PHE A 182 5.52 -5.72 -7.46
C PHE A 182 6.75 -6.04 -8.28
N ILE A 183 7.92 -5.59 -7.86
CA ILE A 183 9.18 -6.00 -8.48
C ILE A 183 9.84 -6.96 -7.51
N ARG A 184 9.99 -8.19 -7.93
CA ARG A 184 10.67 -9.07 -7.01
C ARG A 184 12.13 -8.68 -6.97
N GLY A 185 12.76 -8.98 -5.90
CA GLY A 185 14.19 -8.79 -5.72
C GLY A 185 14.77 -9.95 -4.93
N VAL A 186 15.38 -9.57 -3.81
CA VAL A 186 15.84 -10.50 -2.79
C VAL A 186 14.73 -11.47 -2.36
N SER A 187 15.10 -12.74 -2.17
CA SER A 187 14.15 -13.79 -1.85
C SER A 187 13.67 -13.67 -0.39
N GLY A 188 12.76 -14.56 -0.02
CA GLY A 188 12.10 -14.44 1.27
C GLY A 188 12.99 -14.75 2.46
N GLY A 189 13.91 -15.69 2.30
CA GLY A 189 14.85 -15.99 3.36
C GLY A 189 16.00 -15.03 3.42
N GLU A 190 16.34 -14.44 2.28
CA GLU A 190 17.39 -13.43 2.25
C GLU A 190 16.89 -12.07 2.74
N ARG A 191 15.58 -11.83 2.63
CA ARG A 191 14.96 -10.65 3.22
C ARG A 191 14.75 -10.84 4.72
N LYS A 192 14.51 -12.09 5.15
CA LYS A 192 14.44 -12.40 6.56
C LYS A 192 15.76 -12.13 7.26
N ARG A 193 16.87 -12.50 6.64
CA ARG A 193 18.16 -12.28 7.26
C ARG A 193 18.59 -10.83 7.20
N THR A 194 18.00 -10.04 6.32
CA THR A 194 18.22 -8.60 6.34
C THR A 194 17.54 -7.96 7.54
N SER A 195 16.34 -8.43 7.88
CA SER A 195 15.64 -7.94 9.07
C SER A 195 16.36 -8.35 10.34
N ILE A 196 16.94 -9.54 10.37
CA ILE A 196 17.74 -9.98 11.50
C ILE A 196 18.98 -9.11 11.64
N GLY A 197 19.68 -8.85 10.53
CA GLY A 197 20.92 -8.12 10.60
C GLY A 197 20.78 -6.65 10.86
N MET A 198 19.61 -6.07 10.53
CA MET A 198 19.38 -4.67 10.84
C MET A 198 19.23 -4.44 12.32
N GLU A 199 18.63 -5.39 13.04
CA GLU A 199 18.53 -5.35 14.49
C GLU A 199 19.67 -6.09 15.18
N LEU A 200 20.81 -6.22 14.52
CA LEU A 200 21.96 -6.97 15.03
C LEU A 200 23.27 -6.23 14.92
N ILE A 201 23.36 -5.24 14.02
CA ILE A 201 24.48 -4.30 14.01
C ILE A 201 24.40 -3.35 15.19
N THR A 202 23.20 -3.16 15.74
CA THR A 202 22.99 -2.19 16.80
C THR A 202 23.50 -2.65 18.16
N ASP A 203 23.91 -3.91 18.29
CA ASP A 203 24.31 -4.60 19.52
C ASP A 203 23.37 -4.39 20.70
N PRO A 204 22.14 -4.89 20.65
CA PRO A 204 21.24 -4.70 21.79
C PRO A 204 21.57 -5.68 22.90
N SER A 205 21.23 -5.29 24.12
CA SER A 205 21.48 -6.18 25.26
C SER A 205 20.32 -7.15 25.45
N ILE A 206 19.10 -6.73 25.14
CA ILE A 206 17.96 -7.63 25.09
C ILE A 206 17.47 -7.69 23.65
N LEU A 207 17.46 -8.88 23.07
CA LEU A 207 17.08 -9.03 21.67
C LEU A 207 15.87 -9.94 21.61
N PHE A 208 14.81 -9.47 20.97
CA PHE A 208 13.61 -10.26 20.73
C PHE A 208 13.55 -10.62 19.24
N LEU A 209 13.24 -11.87 18.93
CA LEU A 209 13.14 -12.31 17.55
C LEU A 209 11.85 -13.05 17.34
N ASP A 210 11.04 -12.60 16.40
CA ASP A 210 9.75 -13.22 16.10
C ASP A 210 9.95 -14.23 14.98
N GLN A 211 10.17 -15.49 15.36
CA GLN A 211 10.44 -16.64 14.50
C GLN A 211 11.57 -16.37 13.52
N PRO A 212 12.82 -16.29 13.99
CA PRO A 212 13.89 -15.77 13.13
C PRO A 212 14.32 -16.73 12.04
N THR A 213 13.87 -17.98 12.07
CA THR A 213 14.34 -19.00 11.15
C THR A 213 13.24 -19.62 10.33
N THR A 214 12.05 -19.03 10.32
CA THR A 214 11.05 -19.45 9.36
C THR A 214 11.32 -18.73 8.05
N GLY A 215 11.45 -19.49 6.98
CA GLY A 215 11.95 -18.99 5.73
C GLY A 215 13.40 -19.35 5.47
N LEU A 216 14.10 -19.84 6.49
CA LEU A 216 15.45 -20.34 6.36
C LEU A 216 15.44 -21.85 6.27
N ASP A 217 16.50 -22.40 5.70
CA ASP A 217 16.64 -23.84 5.55
C ASP A 217 17.40 -24.38 6.76
N SER A 218 17.48 -25.71 6.89
CA SER A 218 17.94 -26.32 8.13
C SER A 218 19.43 -26.13 8.37
N SER A 219 20.18 -25.66 7.38
CA SER A 219 21.59 -25.38 7.59
C SER A 219 21.87 -23.91 7.82
N THR A 220 21.05 -23.01 7.27
CA THR A 220 21.16 -21.59 7.60
C THR A 220 20.47 -21.27 8.91
N ALA A 221 19.43 -22.03 9.26
CA ALA A 221 18.77 -21.84 10.56
C ALA A 221 19.69 -22.23 11.71
N ASN A 222 20.52 -23.25 11.52
CA ASN A 222 21.48 -23.62 12.55
C ASN A 222 22.64 -22.63 12.62
N ALA A 223 23.02 -22.08 11.47
CA ALA A 223 24.09 -21.09 11.44
C ALA A 223 23.66 -19.76 12.01
N VAL A 224 22.37 -19.47 12.01
CA VAL A 224 21.86 -18.24 12.63
C VAL A 224 21.80 -18.39 14.15
N LEU A 225 21.27 -19.51 14.64
CA LEU A 225 21.25 -19.70 16.08
C LEU A 225 22.60 -20.03 16.68
N LEU A 226 23.58 -20.46 15.89
CA LEU A 226 24.92 -20.55 16.45
C LEU A 226 25.58 -19.19 16.50
N LEU A 227 25.11 -18.25 15.68
CA LEU A 227 25.54 -16.86 15.78
C LEU A 227 24.92 -16.20 17.01
N LEU A 228 23.67 -16.53 17.30
CA LEU A 228 23.01 -15.99 18.48
C LEU A 228 23.57 -16.59 19.76
N LYS A 229 23.88 -17.88 19.75
CA LYS A 229 24.48 -18.55 20.90
C LYS A 229 25.86 -17.99 21.21
N ARG A 230 26.61 -17.63 20.19
CA ARG A 230 27.88 -16.92 20.38
C ARG A 230 27.64 -15.53 20.96
N MET A 231 26.59 -14.87 20.52
CA MET A 231 26.22 -13.53 20.99
C MET A 231 25.65 -13.56 22.40
N SER A 232 24.95 -14.63 22.75
CA SER A 232 24.31 -14.75 24.05
C SER A 232 25.32 -15.05 25.16
N LYS A 233 26.49 -15.56 24.81
CA LYS A 233 27.52 -15.84 25.79
C LYS A 233 28.39 -14.62 26.10
N GLN A 234 28.11 -13.48 25.48
CA GLN A 234 28.71 -12.22 25.89
C GLN A 234 27.88 -11.50 26.95
N GLY A 235 26.73 -12.05 27.34
CA GLY A 235 25.87 -11.45 28.33
C GLY A 235 24.58 -10.90 27.80
N ARG A 236 24.20 -11.23 26.57
CA ARG A 236 22.95 -10.75 26.00
C ARG A 236 21.81 -11.66 26.37
N THR A 237 20.63 -11.09 26.59
CA THR A 237 19.41 -11.86 26.77
C THR A 237 18.69 -11.92 25.43
N ILE A 238 18.50 -13.12 24.91
CA ILE A 238 17.94 -13.32 23.60
C ILE A 238 16.68 -14.16 23.76
N ILE A 239 15.52 -13.53 23.54
CA ILE A 239 14.22 -14.18 23.67
C ILE A 239 13.66 -14.35 22.27
N PHE A 240 13.30 -15.57 21.89
CA PHE A 240 12.74 -15.75 20.56
C PHE A 240 11.66 -16.82 20.61
N SER A 241 10.77 -16.75 19.63
CA SER A 241 9.86 -17.84 19.31
C SER A 241 10.44 -18.61 18.13
N ILE A 242 10.12 -19.89 18.03
CA ILE A 242 10.71 -20.71 16.98
C ILE A 242 9.72 -21.79 16.57
N HIS A 243 9.70 -22.09 15.28
CA HIS A 243 8.87 -23.15 14.72
C HIS A 243 9.77 -24.18 14.06
N GLN A 244 9.48 -25.45 14.36
CA GLN A 244 10.21 -26.61 13.87
C GLN A 244 11.75 -26.55 14.01
N PRO A 245 12.28 -26.47 15.24
CA PRO A 245 13.73 -26.51 15.38
C PRO A 245 14.27 -27.92 15.34
N ARG A 246 15.44 -28.08 14.74
CA ARG A 246 16.07 -29.38 14.72
C ARG A 246 16.79 -29.63 16.04
N TYR A 247 17.35 -30.83 16.18
CA TYR A 247 17.90 -31.23 17.46
C TYR A 247 19.20 -30.51 17.78
N SER A 248 19.95 -30.10 16.76
CA SER A 248 21.15 -29.31 17.02
C SER A 248 20.80 -27.88 17.41
N ILE A 249 19.64 -27.39 16.99
CA ILE A 249 19.18 -26.06 17.39
C ILE A 249 18.59 -26.10 18.80
N PHE A 250 17.82 -27.15 19.10
CA PHE A 250 17.20 -27.29 20.41
C PHE A 250 18.23 -27.46 21.51
N LYS A 251 19.41 -28.00 21.20
CA LYS A 251 20.44 -28.18 22.21
C LYS A 251 21.11 -26.87 22.61
N LEU A 252 20.85 -25.79 21.90
CA LEU A 252 21.43 -24.50 22.23
C LEU A 252 20.63 -23.72 23.25
N PHE A 253 19.39 -24.12 23.52
CA PHE A 253 18.49 -23.32 24.34
C PHE A 253 18.91 -23.36 25.80
N ASP A 254 18.86 -22.21 26.46
CA ASP A 254 19.11 -22.12 27.89
C ASP A 254 17.83 -22.10 28.71
N SER A 255 16.72 -21.73 28.10
CA SER A 255 15.42 -21.66 28.75
C SER A 255 14.37 -22.06 27.73
N LEU A 256 13.32 -22.73 28.19
CA LEU A 256 12.25 -23.17 27.32
C LEU A 256 10.92 -22.67 27.85
N THR A 257 10.07 -22.18 26.94
CA THR A 257 8.74 -21.70 27.24
C THR A 257 7.80 -22.37 26.25
N LEU A 258 6.69 -22.91 26.73
CA LEU A 258 5.74 -23.63 25.88
C LEU A 258 4.37 -23.00 26.00
N LEU A 259 3.98 -22.23 25.00
CA LEU A 259 2.67 -21.59 24.93
C LEU A 259 1.70 -22.49 24.18
N ALA A 260 0.45 -22.52 24.64
CA ALA A 260 -0.61 -23.19 23.91
C ALA A 260 -1.93 -22.58 24.36
N SER A 261 -2.71 -22.06 23.39
CA SER A 261 -4.01 -21.44 23.60
C SER A 261 -3.96 -20.27 24.58
N GLY A 262 -2.82 -19.58 24.62
CA GLY A 262 -2.65 -18.45 25.50
C GLY A 262 -2.16 -18.79 26.88
N ARG A 263 -2.08 -20.06 27.24
CA ARG A 263 -1.63 -20.46 28.55
C ARG A 263 -0.25 -21.10 28.46
N LEU A 264 0.38 -21.24 29.61
CA LEU A 264 1.74 -21.76 29.72
C LEU A 264 1.69 -23.24 30.01
N MET A 265 2.25 -24.05 29.11
CA MET A 265 2.31 -25.49 29.36
C MET A 265 3.53 -25.88 30.14
N PHE A 266 4.60 -25.09 30.03
CA PHE A 266 5.86 -25.33 30.70
C PHE A 266 6.70 -24.06 30.59
N HIS A 267 7.47 -23.79 31.63
CA HIS A 267 8.51 -22.77 31.55
C HIS A 267 9.62 -23.16 32.51
N GLY A 268 10.85 -23.15 32.02
CA GLY A 268 11.99 -23.49 32.84
C GLY A 268 13.19 -23.71 31.96
N PRO A 269 14.14 -24.50 32.43
CA PRO A 269 15.27 -24.87 31.57
C PRO A 269 14.84 -25.81 30.46
N ALA A 270 15.62 -25.83 29.39
CA ALA A 270 15.33 -26.71 28.27
C ALA A 270 15.88 -28.10 28.47
N GLN A 271 16.92 -28.23 29.29
CA GLN A 271 17.50 -29.54 29.58
C GLN A 271 16.62 -30.34 30.53
N GLU A 272 15.94 -29.69 31.47
CA GLU A 272 15.00 -30.33 32.37
C GLU A 272 13.58 -30.28 31.85
N ALA A 273 13.39 -30.12 30.54
CA ALA A 273 12.07 -30.11 29.94
C ALA A 273 11.58 -31.49 29.57
N LEU A 274 12.48 -32.33 29.05
CA LEU A 274 12.10 -33.69 28.67
C LEU A 274 11.78 -34.53 29.89
N GLY A 275 12.54 -34.36 30.97
CA GLY A 275 12.28 -35.04 32.22
C GLY A 275 11.09 -34.52 32.99
N TYR A 276 10.52 -33.39 32.59
CA TYR A 276 9.28 -32.91 33.18
C TYR A 276 8.09 -33.66 32.62
N PHE A 277 8.10 -33.94 31.31
CA PHE A 277 7.00 -34.63 30.67
C PHE A 277 7.06 -36.14 30.87
N GLU A 278 8.19 -36.69 31.32
CA GLU A 278 8.23 -38.09 31.71
C GLU A 278 7.40 -38.35 32.96
N SER A 279 7.36 -37.38 33.87
CA SER A 279 6.58 -37.52 35.09
C SER A 279 5.09 -37.37 34.82
N ALA A 280 4.71 -36.62 33.79
CA ALA A 280 3.31 -36.40 33.46
C ALA A 280 2.71 -37.51 32.60
N GLY A 281 3.47 -38.57 32.32
CA GLY A 281 2.95 -39.72 31.62
C GLY A 281 3.32 -39.83 30.16
N TYR A 282 4.28 -39.03 29.68
CA TYR A 282 4.63 -38.99 28.26
C TYR A 282 6.09 -39.39 28.13
N HIS A 283 6.33 -40.57 27.54
CA HIS A 283 7.70 -41.03 27.36
C HIS A 283 8.23 -40.60 26.00
N CYS A 284 9.54 -40.38 25.95
CA CYS A 284 10.11 -39.57 24.86
C CYS A 284 10.26 -40.33 23.56
N GLU A 285 11.11 -41.37 23.54
CA GLU A 285 11.69 -41.75 22.26
C GLU A 285 10.78 -42.63 21.42
N ALA A 286 9.67 -42.05 20.97
CA ALA A 286 9.14 -42.33 19.66
C ALA A 286 9.53 -41.19 18.72
N TYR A 287 10.28 -40.21 19.24
CA TYR A 287 10.78 -39.06 18.49
C TYR A 287 12.22 -38.82 18.91
N ASN A 288 13.13 -38.79 17.94
CA ASN A 288 14.52 -38.51 18.25
C ASN A 288 14.78 -37.03 18.53
N ASN A 289 13.82 -36.16 18.23
CA ASN A 289 13.92 -34.73 18.51
C ASN A 289 12.96 -34.37 19.63
N PRO A 290 13.44 -33.78 20.73
CA PRO A 290 12.50 -33.42 21.81
C PRO A 290 11.56 -32.29 21.45
N ALA A 291 11.94 -31.37 20.56
CA ALA A 291 11.02 -30.31 20.17
C ALA A 291 9.88 -30.83 19.31
N ASP A 292 10.08 -31.95 18.61
CA ASP A 292 9.01 -32.63 17.91
C ASP A 292 8.16 -33.44 18.86
N PHE A 293 8.70 -33.77 20.02
CA PHE A 293 7.95 -34.48 21.07
C PHE A 293 7.12 -33.55 21.92
N PHE A 294 7.62 -32.33 22.17
CA PHE A 294 6.92 -31.40 23.04
C PHE A 294 5.67 -30.84 22.38
N LEU A 295 5.68 -30.69 21.07
CA LEU A 295 4.56 -30.09 20.37
C LEU A 295 3.60 -31.11 19.82
N ASP A 296 3.89 -32.40 19.94
CA ASP A 296 2.87 -33.40 19.71
C ASP A 296 2.00 -33.63 20.92
N ILE A 297 2.50 -33.30 22.11
CA ILE A 297 1.67 -33.35 23.31
C ILE A 297 0.69 -32.18 23.32
N ILE A 298 1.20 -30.96 23.22
CA ILE A 298 0.42 -29.76 23.48
C ILE A 298 -0.41 -29.36 22.26
N ASN A 299 -0.35 -30.14 21.19
CA ASN A 299 -1.19 -29.92 20.02
C ASN A 299 -2.01 -31.15 19.67
N GLY A 300 -2.13 -32.12 20.58
CA GLY A 300 -2.93 -33.29 20.31
C GLY A 300 -4.41 -33.01 20.24
N ASP A 301 -4.87 -31.92 20.88
CA ASP A 301 -6.25 -31.49 20.84
C ASP A 301 -6.62 -30.77 19.56
N SER A 302 -5.65 -30.46 18.71
CA SER A 302 -5.90 -29.75 17.46
C SER A 302 -6.67 -30.64 16.50
N THR A 303 -7.66 -30.04 15.84
CA THR A 303 -8.55 -30.80 14.96
C THR A 303 -7.92 -31.13 13.62
N ALA A 304 -6.82 -30.48 13.24
CA ALA A 304 -6.08 -30.90 12.07
C ALA A 304 -5.35 -32.21 12.33
N VAL A 305 -4.83 -32.37 13.54
CA VAL A 305 -4.11 -33.58 13.91
C VAL A 305 -5.09 -34.73 14.14
N ALA A 306 -6.28 -34.43 14.63
CA ALA A 306 -7.29 -35.44 14.86
C ALA A 306 -7.94 -35.95 13.58
N LEU A 307 -7.89 -35.16 12.50
CA LEU A 307 -8.53 -35.53 11.25
C LEU A 307 -7.56 -36.11 10.23
N ASN A 308 -6.26 -36.00 10.45
CA ASN A 308 -5.24 -36.39 9.47
C ASN A 308 -4.29 -37.36 10.15
N ARG A 309 -4.36 -38.63 9.70
CA ARG A 309 -3.65 -39.84 10.16
C ARG A 309 -4.18 -40.32 11.51
N GLU A 310 -5.12 -39.59 12.11
CA GLU A 310 -5.72 -39.99 13.37
C GLU A 310 -7.24 -39.99 13.22
N LYS A 326 -10.21 -31.84 31.84
CA LYS A 326 -10.70 -32.74 30.78
C LYS A 326 -10.26 -32.34 29.34
N PRO A 327 -10.22 -31.06 28.96
CA PRO A 327 -9.48 -30.72 27.74
C PRO A 327 -7.98 -30.90 27.97
N LEU A 328 -7.27 -31.16 26.88
CA LEU A 328 -5.84 -31.42 26.97
C LEU A 328 -5.06 -30.18 27.36
N ILE A 329 -5.54 -28.99 27.00
CA ILE A 329 -4.87 -27.76 27.38
C ILE A 329 -5.06 -27.48 28.86
N GLU A 330 -6.30 -27.61 29.34
CA GLU A 330 -6.58 -27.36 30.75
C GLU A 330 -6.04 -28.46 31.66
N LYS A 331 -5.72 -29.62 31.09
CA LYS A 331 -5.06 -30.68 31.86
C LYS A 331 -3.55 -30.43 31.91
N LEU A 332 -2.96 -30.02 30.81
CA LEU A 332 -1.52 -29.79 30.78
C LEU A 332 -1.13 -28.50 31.50
N ALA A 333 -2.06 -27.54 31.57
CA ALA A 333 -1.76 -26.28 32.25
C ALA A 333 -1.91 -26.41 33.76
N GLU A 334 -2.79 -27.30 34.23
CA GLU A 334 -2.94 -27.49 35.66
C GLU A 334 -1.84 -28.38 36.23
N ILE A 335 -1.18 -29.17 35.39
CA ILE A 335 -0.02 -29.94 35.83
C ILE A 335 1.15 -29.00 36.10
N TYR A 336 1.29 -27.94 35.30
CA TYR A 336 2.45 -27.08 35.41
C TYR A 336 2.41 -26.22 36.66
N VAL A 337 1.23 -25.69 37.02
CA VAL A 337 1.14 -24.79 38.17
C VAL A 337 1.27 -25.57 39.47
N ASN A 338 1.02 -26.87 39.43
CA ASN A 338 1.25 -27.73 40.58
C ASN A 338 2.67 -28.26 40.66
N SER A 339 3.46 -28.08 39.60
CA SER A 339 4.78 -28.66 39.51
C SER A 339 5.79 -27.82 40.29
N SER A 340 7.03 -28.28 40.32
CA SER A 340 8.08 -27.56 41.02
C SER A 340 8.69 -26.44 40.20
N PHE A 341 8.51 -26.47 38.88
CA PHE A 341 9.03 -25.41 38.03
C PHE A 341 8.24 -24.12 38.18
N TYR A 342 6.97 -24.21 38.57
CA TYR A 342 6.16 -23.01 38.78
C TYR A 342 6.38 -22.44 40.18
N LYS A 343 6.58 -23.31 41.17
CA LYS A 343 6.89 -22.83 42.51
C LYS A 343 8.28 -22.23 42.58
N GLU A 344 9.21 -22.72 41.75
CA GLU A 344 10.54 -22.12 41.68
C GLU A 344 10.51 -20.73 41.08
N THR A 345 9.66 -20.51 40.07
CA THR A 345 9.67 -19.22 39.38
C THR A 345 8.81 -18.19 40.12
N LYS A 346 7.75 -18.63 40.79
CA LYS A 346 6.90 -17.66 41.50
C LYS A 346 7.53 -17.22 42.81
N ALA A 347 8.33 -18.08 43.43
CA ALA A 347 9.10 -17.67 44.59
C ALA A 347 10.38 -16.95 44.23
N GLU A 348 10.71 -16.85 42.93
CA GLU A 348 11.80 -16.02 42.46
C GLU A 348 11.31 -14.72 41.87
N LEU A 349 10.07 -14.68 41.38
CA LEU A 349 9.49 -13.45 40.86
C LEU A 349 9.16 -12.48 41.99
N HIS A 350 8.84 -12.99 43.17
CA HIS A 350 8.54 -12.13 44.31
C HIS A 350 9.79 -11.54 44.94
N GLN A 351 10.95 -12.17 44.79
CA GLN A 351 12.19 -11.55 45.21
C GLN A 351 12.60 -10.41 44.30
N LEU A 352 12.27 -10.49 43.01
CA LEU A 352 12.58 -9.42 42.08
C LEU A 352 11.60 -8.26 42.24
N SER A 353 10.31 -8.57 42.35
CA SER A 353 9.29 -7.54 42.51
C SER A 353 9.34 -6.95 43.92
N ILE A 367 13.37 10.53 26.04
CA ILE A 367 13.62 9.20 25.51
C ILE A 367 15.13 9.02 25.33
N SER A 368 15.83 10.13 25.05
CA SER A 368 17.29 10.19 24.94
C SER A 368 17.82 9.22 23.88
N TYR A 369 17.53 9.51 22.61
CA TYR A 369 17.88 8.65 21.49
C TYR A 369 19.39 8.54 21.33
N THR A 370 19.80 7.56 20.52
CA THR A 370 21.22 7.25 20.39
C THR A 370 21.96 8.34 19.63
N THR A 371 21.39 8.81 18.53
CA THR A 371 21.97 9.87 17.73
C THR A 371 21.14 11.12 17.86
N SER A 372 21.74 12.26 17.53
CA SER A 372 21.11 13.55 17.76
C SER A 372 19.99 13.81 16.75
N PHE A 373 19.30 14.93 16.93
CA PHE A 373 18.21 15.30 16.03
C PHE A 373 18.74 15.58 14.64
N CYS A 374 19.88 16.25 14.54
CA CYS A 374 20.39 16.67 13.24
C CYS A 374 21.02 15.52 12.48
N HIS A 375 21.53 14.51 13.18
CA HIS A 375 22.04 13.33 12.50
C HIS A 375 20.90 12.48 11.98
N GLN A 376 19.75 12.48 12.66
CA GLN A 376 18.59 11.75 12.16
C GLN A 376 17.88 12.51 11.06
N LEU A 377 17.93 13.84 11.10
CA LEU A 377 17.33 14.64 10.04
C LEU A 377 18.11 14.53 8.74
N ARG A 378 19.43 14.40 8.83
CA ARG A 378 20.30 14.29 7.66
C ARG A 378 20.38 12.89 7.11
N TRP A 379 19.68 11.93 7.70
CA TRP A 379 19.61 10.58 7.18
C TRP A 379 18.23 10.15 6.77
N VAL A 380 17.18 10.72 7.36
CA VAL A 380 15.83 10.49 6.86
C VAL A 380 15.64 11.19 5.52
N SER A 381 16.21 12.39 5.36
CA SER A 381 16.12 13.09 4.09
C SER A 381 17.08 12.53 3.07
N LYS A 382 18.23 12.02 3.51
CA LYS A 382 19.16 11.37 2.60
C LYS A 382 18.58 10.09 2.02
N ARG A 383 17.85 9.32 2.84
CA ARG A 383 17.18 8.13 2.33
C ARG A 383 15.95 8.50 1.50
N SER A 384 15.35 9.65 1.78
CA SER A 384 14.17 10.08 1.03
C SER A 384 14.52 10.61 -0.34
N PHE A 385 15.71 11.22 -0.47
CA PHE A 385 16.13 11.73 -1.76
C PHE A 385 16.59 10.61 -2.67
N LYS A 386 17.15 9.54 -2.10
CA LYS A 386 17.54 8.38 -2.89
C LYS A 386 16.34 7.62 -3.42
N ASN A 387 15.19 7.70 -2.76
CA ASN A 387 13.97 7.11 -3.31
C ASN A 387 13.42 7.95 -4.45
N LEU A 388 13.65 9.25 -4.43
CA LEU A 388 13.21 10.13 -5.50
C LEU A 388 14.14 10.12 -6.70
N LEU A 389 15.43 9.86 -6.48
CA LEU A 389 16.35 9.69 -7.59
C LEU A 389 16.32 8.29 -8.16
N GLY A 390 15.66 7.36 -7.51
CA GLY A 390 15.53 6.02 -8.03
C GLY A 390 14.18 5.81 -8.67
N ASN A 391 13.15 6.47 -8.13
CA ASN A 391 11.79 6.42 -8.66
C ASN A 391 11.33 7.83 -9.00
N PRO A 392 11.91 8.47 -10.05
CA PRO A 392 11.57 9.87 -10.36
C PRO A 392 10.39 10.01 -11.30
N GLN A 393 9.31 9.28 -11.03
CA GLN A 393 8.16 9.33 -11.92
C GLN A 393 7.31 10.55 -11.62
N ALA A 394 6.95 10.77 -10.36
CA ALA A 394 6.06 11.85 -9.99
C ALA A 394 6.74 13.22 -10.02
N SER A 395 8.07 13.26 -10.02
CA SER A 395 8.79 14.53 -10.07
C SER A 395 9.11 14.94 -11.51
N ILE A 396 9.33 13.98 -12.40
CA ILE A 396 9.48 14.30 -13.81
C ILE A 396 8.13 14.68 -14.40
N ALA A 397 7.08 13.96 -14.03
CA ALA A 397 5.73 14.29 -14.48
C ALA A 397 5.21 15.59 -13.90
N GLN A 398 5.69 15.99 -12.72
CA GLN A 398 5.36 17.29 -12.16
C GLN A 398 5.96 18.42 -13.00
N ILE A 399 7.24 18.29 -13.35
CA ILE A 399 7.95 19.31 -14.11
C ILE A 399 7.44 19.37 -15.55
N ILE A 400 7.01 18.24 -16.10
CA ILE A 400 6.57 18.20 -17.51
C ILE A 400 5.22 18.90 -17.67
N VAL A 401 4.25 18.59 -16.80
CA VAL A 401 2.93 19.21 -16.93
C VAL A 401 2.86 20.57 -16.30
N THR A 402 3.95 21.06 -15.71
CA THR A 402 4.04 22.46 -15.29
C THR A 402 4.54 23.33 -16.43
N VAL A 403 5.43 22.80 -17.26
CA VAL A 403 5.90 23.52 -18.43
C VAL A 403 4.79 23.66 -19.46
N VAL A 404 4.08 22.57 -19.77
CA VAL A 404 3.10 22.64 -20.85
C VAL A 404 1.82 23.31 -20.37
N LEU A 405 1.66 23.50 -19.07
CA LEU A 405 0.57 24.34 -18.57
C LEU A 405 0.97 25.80 -18.54
N GLY A 406 2.22 26.09 -18.15
CA GLY A 406 2.71 27.46 -18.21
C GLY A 406 2.87 27.98 -19.63
N LEU A 407 3.14 27.08 -20.58
CA LEU A 407 3.19 27.48 -21.98
C LEU A 407 1.81 27.73 -22.56
N VAL A 408 0.79 27.03 -22.07
CA VAL A 408 -0.56 27.21 -22.60
C VAL A 408 -1.20 28.46 -22.02
N ILE A 409 -1.04 28.67 -20.70
CA ILE A 409 -1.49 29.88 -20.03
C ILE A 409 -0.78 31.10 -20.60
N GLY A 410 0.48 30.96 -20.97
CA GLY A 410 1.19 32.06 -21.60
C GLY A 410 0.81 32.27 -23.06
N ALA A 411 0.27 31.25 -23.72
CA ALA A 411 -0.13 31.40 -25.12
C ALA A 411 -1.55 31.88 -25.29
N ILE A 412 -2.40 31.65 -24.30
CA ILE A 412 -3.76 32.18 -24.35
C ILE A 412 -3.77 33.67 -24.07
N TYR A 413 -3.09 34.07 -22.99
CA TYR A 413 -3.02 35.48 -22.62
C TYR A 413 -1.78 36.15 -23.19
N PHE A 414 -1.30 35.70 -24.35
CA PHE A 414 -0.09 36.26 -24.94
C PHE A 414 -0.30 37.70 -25.36
N GLY A 415 0.62 38.56 -24.93
CA GLY A 415 0.53 39.97 -25.26
C GLY A 415 -0.60 40.66 -24.53
N LEU A 416 -0.47 40.79 -23.22
CA LEU A 416 -1.49 41.46 -22.43
C LEU A 416 -1.46 42.96 -22.72
N LYS A 417 -2.56 43.49 -23.22
CA LYS A 417 -2.68 44.90 -23.53
C LYS A 417 -3.14 45.69 -22.31
N ASN A 418 -2.96 47.01 -22.39
CA ASN A 418 -3.54 47.95 -21.44
C ASN A 418 -4.79 48.53 -22.11
N ASP A 419 -5.89 47.78 -22.03
CA ASP A 419 -7.12 48.15 -22.72
C ASP A 419 -8.27 48.09 -21.72
N SER A 420 -9.48 48.28 -22.24
CA SER A 420 -10.68 48.09 -21.43
C SER A 420 -10.87 46.64 -21.04
N THR A 421 -10.51 45.70 -21.92
CA THR A 421 -10.42 44.29 -21.57
C THR A 421 -8.93 43.96 -21.60
N GLY A 422 -8.24 44.33 -20.51
CA GLY A 422 -6.88 43.94 -20.28
C GLY A 422 -6.72 43.64 -18.80
N ILE A 423 -7.80 43.88 -18.06
CA ILE A 423 -7.85 43.60 -16.63
C ILE A 423 -8.44 42.23 -16.36
N GLN A 424 -9.52 41.87 -17.06
CA GLN A 424 -10.09 40.54 -16.88
C GLN A 424 -9.25 39.47 -17.57
N ASN A 425 -8.35 39.88 -18.46
CA ASN A 425 -7.29 38.97 -18.89
C ASN A 425 -6.21 38.86 -17.84
N ARG A 426 -5.86 39.99 -17.20
CA ARG A 426 -4.83 39.98 -16.17
C ARG A 426 -5.34 39.37 -14.87
N ALA A 427 -6.55 39.73 -14.45
CA ALA A 427 -7.10 39.13 -13.24
C ALA A 427 -7.68 37.75 -13.49
N GLY A 428 -7.62 37.23 -14.70
CA GLY A 428 -8.03 35.88 -14.98
C GLY A 428 -6.84 34.99 -15.20
N VAL A 429 -5.67 35.58 -15.50
CA VAL A 429 -4.48 34.75 -15.62
C VAL A 429 -3.86 34.52 -14.25
N LEU A 430 -3.96 35.49 -13.33
CA LEU A 430 -3.44 35.29 -11.99
C LEU A 430 -4.35 34.42 -11.14
N PHE A 431 -5.55 34.12 -11.61
CA PHE A 431 -6.40 33.17 -10.93
C PHE A 431 -6.00 31.75 -11.27
N PHE A 432 -5.65 31.47 -12.52
CA PHE A 432 -5.23 30.15 -12.94
C PHE A 432 -3.82 29.81 -12.48
N LEU A 433 -3.00 30.82 -12.18
CA LEU A 433 -1.71 30.55 -11.54
C LEU A 433 -1.88 30.14 -10.10
N THR A 434 -2.87 30.71 -9.41
CA THR A 434 -3.11 30.40 -8.01
C THR A 434 -3.83 29.08 -7.84
N THR A 435 -4.84 28.83 -8.67
CA THR A 435 -5.57 27.58 -8.74
C THR A 435 -4.66 26.40 -9.08
N ASN A 436 -3.63 26.60 -9.88
CA ASN A 436 -2.71 25.51 -10.20
C ASN A 436 -1.86 25.14 -9.00
N GLN A 437 -1.38 26.13 -8.25
CA GLN A 437 -0.48 25.86 -7.13
C GLN A 437 -1.22 25.22 -5.96
N CYS A 438 -2.53 25.46 -5.86
CA CYS A 438 -3.33 24.83 -4.82
C CYS A 438 -3.67 23.40 -5.17
N PHE A 439 -4.15 23.17 -6.39
CA PHE A 439 -4.57 21.84 -6.78
C PHE A 439 -3.41 20.91 -7.09
N SER A 440 -2.22 21.44 -7.37
CA SER A 440 -1.05 20.59 -7.50
C SER A 440 -0.62 19.98 -6.18
N SER A 441 -1.06 20.55 -5.06
CA SER A 441 -0.65 20.13 -3.74
C SER A 441 -1.47 18.99 -3.19
N VAL A 442 -2.44 18.48 -3.95
CA VAL A 442 -3.18 17.30 -3.52
C VAL A 442 -2.30 16.05 -3.59
N SER A 443 -1.26 16.06 -4.42
CA SER A 443 -0.31 14.95 -4.47
C SER A 443 0.63 14.91 -3.27
N ALA A 444 0.55 15.86 -2.35
CA ALA A 444 1.30 15.82 -1.10
C ALA A 444 0.60 14.97 -0.04
N VAL A 445 -0.59 14.45 -0.34
CA VAL A 445 -1.32 13.58 0.56
C VAL A 445 -0.57 12.28 0.78
N GLU A 446 0.10 11.77 -0.27
CA GLU A 446 0.80 10.50 -0.23
C GLU A 446 2.15 10.54 0.45
N LEU A 447 2.53 11.65 1.10
CA LEU A 447 3.88 11.74 1.66
C LEU A 447 4.04 10.86 2.88
N PHE A 448 3.06 10.87 3.77
CA PHE A 448 3.12 10.10 5.01
C PHE A 448 2.20 8.89 5.01
N VAL A 449 1.59 8.57 3.87
CA VAL A 449 0.63 7.48 3.77
C VAL A 449 1.27 6.23 3.21
N VAL A 450 2.08 6.36 2.15
CA VAL A 450 2.63 5.18 1.50
C VAL A 450 3.74 4.56 2.33
N GLU A 451 4.32 5.30 3.27
CA GLU A 451 5.33 4.76 4.17
C GLU A 451 4.88 4.82 5.62
N LYS A 452 3.61 4.51 5.86
CA LYS A 452 3.10 4.53 7.22
C LYS A 452 3.54 3.29 7.98
N LYS A 453 3.65 2.15 7.30
CA LYS A 453 4.06 0.92 7.95
C LYS A 453 5.55 0.97 8.30
N LEU A 454 6.35 1.61 7.45
CA LEU A 454 7.77 1.76 7.73
C LEU A 454 8.06 2.83 8.77
N PHE A 455 7.22 3.86 8.87
CA PHE A 455 7.42 4.86 9.91
C PHE A 455 7.05 4.28 11.27
N ILE A 456 5.96 3.53 11.35
CA ILE A 456 5.50 2.98 12.61
C ILE A 456 6.47 1.93 13.14
N HIS A 457 7.03 1.12 12.23
CA HIS A 457 8.01 0.10 12.60
C HIS A 457 9.30 0.72 13.09
N GLU A 458 9.82 1.71 12.36
CA GLU A 458 11.09 2.33 12.70
C GLU A 458 11.00 3.35 13.82
N TYR A 459 9.81 3.81 14.17
CA TYR A 459 9.73 4.69 15.33
C TYR A 459 9.80 3.89 16.63
N ILE A 460 9.04 2.81 16.72
CA ILE A 460 9.03 1.98 17.91
C ILE A 460 10.30 1.15 18.04
N SER A 461 11.10 1.06 16.98
CA SER A 461 12.42 0.45 17.03
C SER A 461 13.49 1.42 17.47
N GLY A 462 13.18 2.70 17.63
CA GLY A 462 14.13 3.65 18.15
C GLY A 462 15.08 4.23 17.14
N TYR A 463 14.66 4.39 15.89
CA TYR A 463 15.54 4.95 14.88
C TYR A 463 15.65 6.46 15.02
N TYR A 464 14.52 7.14 15.09
CA TYR A 464 14.48 8.59 15.04
C TYR A 464 13.36 9.12 15.92
N ARG A 465 13.36 10.45 16.10
CA ARG A 465 12.21 11.12 16.68
C ARG A 465 11.13 11.25 15.62
N VAL A 466 9.93 11.66 16.06
CA VAL A 466 8.91 12.02 15.09
C VAL A 466 9.32 13.29 14.38
N SER A 467 9.93 14.23 15.10
CA SER A 467 10.30 15.52 14.52
C SER A 467 11.43 15.40 13.52
N SER A 468 12.31 14.40 13.68
CA SER A 468 13.34 14.12 12.71
C SER A 468 12.79 13.54 11.42
N TYR A 469 11.88 12.57 11.54
CA TYR A 469 11.22 12.02 10.37
C TYR A 469 10.31 13.05 9.70
N PHE A 470 9.64 13.88 10.49
CA PHE A 470 8.70 14.84 9.93
C PHE A 470 9.43 15.92 9.12
N LEU A 471 10.48 16.49 9.69
CA LEU A 471 11.25 17.51 8.99
C LEU A 471 12.09 16.93 7.86
N GLY A 472 12.60 15.70 8.01
CA GLY A 472 13.35 15.07 6.95
C GLY A 472 12.52 14.66 5.76
N LYS A 473 11.27 14.27 5.98
CA LYS A 473 10.37 13.93 4.87
C LYS A 473 9.68 15.14 4.29
N LEU A 474 9.68 16.27 5.00
CA LEU A 474 9.22 17.52 4.41
C LEU A 474 10.11 17.94 3.26
N LEU A 475 11.43 17.83 3.45
CA LEU A 475 12.40 18.30 2.46
C LEU A 475 12.43 17.47 1.18
N SER A 476 11.83 16.29 1.18
CA SER A 476 11.62 15.52 -0.04
C SER A 476 10.32 15.88 -0.73
N ASP A 477 9.46 16.65 -0.08
CA ASP A 477 8.24 17.17 -0.64
C ASP A 477 8.27 18.68 -0.82
N LEU A 478 9.09 19.37 -0.03
CA LEU A 478 9.21 20.80 -0.16
C LEU A 478 10.04 21.18 -1.39
N LEU A 479 11.27 20.65 -1.46
CA LEU A 479 12.17 21.06 -2.53
C LEU A 479 11.77 20.54 -3.92
N PRO A 480 11.68 19.22 -4.16
CA PRO A 480 11.57 18.78 -5.57
C PRO A 480 10.18 18.93 -6.16
N MET A 481 9.15 19.13 -5.35
CA MET A 481 7.78 19.14 -5.82
C MET A 481 7.07 20.46 -5.64
N ARG A 482 7.55 21.34 -4.77
CA ARG A 482 6.86 22.60 -4.52
C ARG A 482 7.72 23.84 -4.72
N MET A 483 9.00 23.80 -4.39
CA MET A 483 9.84 24.96 -4.62
C MET A 483 10.23 25.07 -6.08
N LEU A 484 10.81 24.02 -6.62
CA LEU A 484 11.30 23.97 -8.00
C LEU A 484 10.21 24.09 -9.06
N PRO A 485 9.03 23.48 -8.96
CA PRO A 485 7.97 23.76 -9.94
C PRO A 485 7.26 25.08 -9.74
N SER A 486 7.58 25.87 -8.72
CA SER A 486 7.08 27.22 -8.61
C SER A 486 8.07 28.24 -9.11
N ILE A 487 9.31 27.83 -9.33
CA ILE A 487 10.30 28.66 -9.99
C ILE A 487 10.08 28.64 -11.50
N ILE A 488 10.00 27.45 -12.08
CA ILE A 488 9.95 27.34 -13.54
C ILE A 488 8.55 27.68 -14.05
N PHE A 489 7.56 27.70 -13.17
CA PHE A 489 6.22 28.12 -13.56
C PHE A 489 6.13 29.64 -13.58
N THR A 490 6.83 30.30 -12.65
CA THR A 490 6.85 31.76 -12.62
C THR A 490 7.70 32.31 -13.76
N CYS A 491 8.82 31.64 -14.09
CA CYS A 491 9.70 32.14 -15.15
C CYS A 491 9.05 32.01 -16.52
N ILE A 492 8.32 30.93 -16.76
CA ILE A 492 7.78 30.65 -18.09
C ILE A 492 6.67 31.64 -18.45
N VAL A 493 5.80 31.95 -17.49
CA VAL A 493 4.70 32.87 -17.73
C VAL A 493 5.13 34.31 -17.47
N TYR A 494 6.43 34.55 -17.32
CA TYR A 494 6.91 35.92 -17.21
C TYR A 494 7.60 36.42 -18.46
N PHE A 495 8.36 35.58 -19.19
CA PHE A 495 8.97 36.06 -20.42
C PHE A 495 8.04 35.93 -21.63
N MET A 496 6.81 35.46 -21.43
CA MET A 496 5.89 35.34 -22.54
C MET A 496 4.55 36.02 -22.32
N LEU A 497 4.24 36.50 -21.12
CA LEU A 497 2.98 37.18 -20.88
C LEU A 497 3.10 38.69 -20.98
N GLY A 498 4.11 39.28 -20.36
CA GLY A 498 4.18 40.72 -20.30
C GLY A 498 3.44 41.24 -19.08
N LEU A 499 3.81 40.72 -17.91
CA LEU A 499 3.30 41.19 -16.63
C LEU A 499 4.09 42.40 -16.18
N LYS A 500 3.99 42.76 -14.89
CA LYS A 500 4.75 43.85 -14.29
C LYS A 500 6.25 43.63 -14.49
N PRO A 501 6.90 44.46 -15.31
CA PRO A 501 8.21 44.10 -15.87
C PRO A 501 9.41 44.42 -14.98
N LYS A 502 9.20 44.81 -13.73
CA LYS A 502 10.33 45.13 -12.87
C LYS A 502 10.96 43.86 -12.33
N ALA A 503 12.07 44.02 -11.60
CA ALA A 503 12.79 42.86 -11.09
C ALA A 503 12.22 42.38 -9.77
N ASP A 504 11.78 43.32 -8.92
CA ASP A 504 11.27 42.93 -7.60
C ASP A 504 9.90 42.28 -7.69
N ALA A 505 9.06 42.71 -8.62
CA ALA A 505 7.74 42.11 -8.78
C ALA A 505 7.79 40.73 -9.39
N PHE A 506 8.91 40.37 -10.03
CA PHE A 506 9.07 39.00 -10.49
C PHE A 506 9.30 38.05 -9.32
N PHE A 507 10.07 38.49 -8.33
CA PHE A 507 10.38 37.62 -7.20
C PHE A 507 9.29 37.64 -6.15
N VAL A 508 8.51 38.73 -6.08
CA VAL A 508 7.31 38.73 -5.25
C VAL A 508 6.28 37.75 -5.82
N MET A 509 6.19 37.68 -7.15
CA MET A 509 5.29 36.73 -7.79
C MET A 509 5.78 35.30 -7.62
N MET A 510 7.10 35.10 -7.61
CA MET A 510 7.65 33.77 -7.39
C MET A 510 7.47 33.34 -5.94
N PHE A 511 7.67 34.27 -5.01
CA PHE A 511 7.48 33.98 -3.58
C PHE A 511 6.02 33.75 -3.25
N THR A 512 5.09 34.43 -3.94
CA THR A 512 3.67 34.23 -3.69
C THR A 512 3.20 32.88 -4.18
N LEU A 513 3.70 32.44 -5.34
CA LEU A 513 3.33 31.12 -5.86
C LEU A 513 3.94 30.00 -5.04
N MET A 514 5.06 30.24 -4.37
CA MET A 514 5.63 29.24 -3.47
C MET A 514 4.81 29.09 -2.20
N MET A 515 4.33 30.22 -1.67
CA MET A 515 3.64 30.19 -0.39
C MET A 515 2.24 29.60 -0.50
N VAL A 516 1.59 29.73 -1.66
CA VAL A 516 0.33 29.02 -1.84
C VAL A 516 0.58 27.57 -2.19
N ALA A 517 1.79 27.22 -2.64
CA ALA A 517 2.12 25.82 -2.83
C ALA A 517 2.51 25.16 -1.52
N TYR A 518 3.07 25.92 -0.58
CA TYR A 518 3.44 25.38 0.72
C TYR A 518 2.26 25.29 1.66
N SER A 519 1.37 26.28 1.62
CA SER A 519 0.22 26.30 2.50
C SER A 519 -0.81 25.26 2.09
N ALA A 520 -0.92 25.00 0.80
CA ALA A 520 -1.84 23.98 0.32
C ALA A 520 -1.27 22.59 0.48
N SER A 521 0.06 22.44 0.51
CA SER A 521 0.68 21.16 0.79
C SER A 521 0.69 20.83 2.26
N SER A 522 0.86 21.84 3.11
CA SER A 522 0.76 21.65 4.55
C SER A 522 -0.64 21.25 4.96
N MET A 523 -1.65 21.73 4.25
CA MET A 523 -3.01 21.26 4.44
C MET A 523 -3.22 19.86 3.91
N ALA A 524 -2.46 19.45 2.89
CA ALA A 524 -2.54 18.08 2.43
C ALA A 524 -1.94 17.13 3.44
N LEU A 525 -0.92 17.57 4.17
CA LEU A 525 -0.32 16.77 5.21
C LEU A 525 -1.17 16.74 6.46
N ALA A 526 -1.87 17.84 6.78
CA ALA A 526 -2.67 17.89 7.99
C ALA A 526 -3.89 17.00 7.90
N ILE A 527 -4.43 16.79 6.71
CA ILE A 527 -5.55 15.87 6.56
C ILE A 527 -5.08 14.43 6.48
N ALA A 528 -3.88 14.19 5.94
CA ALA A 528 -3.46 12.84 5.57
C ALA A 528 -2.40 12.22 6.47
N ALA A 529 -1.92 12.91 7.50
CA ALA A 529 -0.90 12.34 8.36
C ALA A 529 -1.51 11.25 9.24
N GLY A 530 -0.83 10.12 9.35
CA GLY A 530 -1.32 9.04 10.16
C GLY A 530 -2.50 8.30 9.58
N GLN A 531 -2.61 8.27 8.26
CA GLN A 531 -3.74 7.66 7.58
C GLN A 531 -3.23 6.56 6.66
N SER A 532 -4.02 5.48 6.56
CA SER A 532 -3.55 4.29 5.86
C SER A 532 -3.86 4.34 4.37
N VAL A 533 -4.97 4.96 4.01
CA VAL A 533 -5.34 5.13 2.61
C VAL A 533 -5.39 6.62 2.30
N VAL A 534 -5.32 6.93 1.01
CA VAL A 534 -5.44 8.28 0.52
C VAL A 534 -6.87 8.62 0.14
N SER A 535 -7.84 7.80 0.52
CA SER A 535 -9.16 7.90 -0.10
C SER A 535 -10.00 9.00 0.55
N VAL A 536 -9.99 9.08 1.87
CA VAL A 536 -10.67 10.18 2.55
C VAL A 536 -9.91 11.48 2.35
N ALA A 537 -8.59 11.41 2.33
CA ALA A 537 -7.77 12.62 2.39
C ALA A 537 -7.71 13.34 1.05
N THR A 538 -7.65 12.61 -0.07
CA THR A 538 -7.70 13.24 -1.39
C THR A 538 -9.06 13.87 -1.63
N LEU A 539 -10.11 13.25 -1.10
CA LEU A 539 -11.46 13.72 -1.30
C LEU A 539 -11.74 14.99 -0.50
N LEU A 540 -11.32 15.03 0.76
CA LEU A 540 -11.41 16.26 1.53
C LEU A 540 -10.41 17.32 1.08
N MET A 541 -9.40 16.95 0.31
CA MET A 541 -8.45 17.94 -0.20
C MET A 541 -9.04 18.73 -1.35
N THR A 542 -9.69 18.05 -2.28
CA THR A 542 -10.18 18.72 -3.48
C THR A 542 -11.48 19.46 -3.22
N ILE A 543 -12.35 18.94 -2.36
CA ILE A 543 -13.61 19.63 -2.09
C ILE A 543 -13.39 20.81 -1.14
N CYS A 544 -12.33 20.78 -0.33
CA CYS A 544 -11.99 21.98 0.43
C CYS A 544 -11.37 23.05 -0.45
N PHE A 545 -10.86 22.69 -1.63
CA PHE A 545 -10.28 23.69 -2.51
C PHE A 545 -11.32 24.28 -3.44
N VAL A 546 -12.35 23.51 -3.80
CA VAL A 546 -13.52 24.08 -4.45
C VAL A 546 -14.23 25.02 -3.48
N PHE A 547 -14.25 24.68 -2.20
CA PHE A 547 -14.83 25.53 -1.17
C PHE A 547 -14.04 26.82 -1.01
N MET A 548 -12.72 26.74 -1.10
CA MET A 548 -11.87 27.93 -0.96
C MET A 548 -11.82 28.76 -2.22
N MET A 549 -12.33 28.24 -3.33
CA MET A 549 -12.33 28.95 -4.60
C MET A 549 -13.61 29.74 -4.81
N ILE A 550 -14.66 29.43 -4.06
CA ILE A 550 -15.86 30.26 -4.04
C ILE A 550 -15.54 31.59 -3.36
N PHE A 551 -14.70 31.56 -2.35
CA PHE A 551 -14.34 32.73 -1.57
C PHE A 551 -13.04 33.37 -2.02
N SER A 552 -12.54 33.03 -3.21
CA SER A 552 -11.29 33.60 -3.67
C SER A 552 -11.43 35.05 -4.10
N GLY A 553 -12.64 35.49 -4.39
CA GLY A 553 -12.89 36.87 -4.73
C GLY A 553 -12.88 37.17 -6.20
N LEU A 554 -13.21 36.22 -7.07
CA LEU A 554 -13.20 36.44 -8.50
C LEU A 554 -14.59 36.37 -9.11
N LEU A 555 -15.29 35.24 -8.92
CA LEU A 555 -16.61 35.09 -9.53
C LEU A 555 -17.67 35.86 -8.75
N VAL A 556 -17.77 35.60 -7.44
CA VAL A 556 -18.72 36.27 -6.57
C VAL A 556 -17.96 37.26 -5.69
N ASN A 557 -18.48 38.48 -5.59
CA ASN A 557 -17.78 39.57 -4.93
C ASN A 557 -17.84 39.38 -3.41
N LEU A 558 -16.70 39.55 -2.75
CA LEU A 558 -16.61 39.27 -1.33
C LEU A 558 -17.32 40.31 -0.48
N THR A 559 -17.50 41.52 -1.00
CA THR A 559 -18.19 42.57 -0.26
C THR A 559 -19.70 42.36 -0.26
N THR A 560 -20.25 41.72 -1.28
CA THR A 560 -21.67 41.44 -1.31
C THR A 560 -22.04 40.16 -0.58
N ILE A 561 -21.07 39.43 -0.05
CA ILE A 561 -21.36 38.27 0.79
C ILE A 561 -21.92 38.76 2.12
N ALA A 562 -22.95 38.07 2.60
CA ALA A 562 -23.54 38.40 3.90
C ALA A 562 -22.55 38.16 5.02
N SER A 563 -22.76 38.86 6.14
CA SER A 563 -21.76 38.94 7.20
C SER A 563 -21.56 37.61 7.93
N TRP A 564 -22.56 36.74 7.93
CA TRP A 564 -22.44 35.44 8.56
C TRP A 564 -21.73 34.41 7.70
N LEU A 565 -21.42 34.76 6.45
CA LEU A 565 -20.64 33.89 5.57
C LEU A 565 -19.34 34.51 5.10
N SER A 566 -19.15 35.82 5.26
CA SER A 566 -17.96 36.49 4.76
C SER A 566 -16.72 36.24 5.60
N TRP A 567 -16.86 35.60 6.76
CA TRP A 567 -15.71 35.24 7.57
C TRP A 567 -14.98 34.02 7.03
N LEU A 568 -15.62 33.23 6.16
CA LEU A 568 -15.01 32.06 5.55
C LEU A 568 -14.00 32.43 4.47
N GLN A 569 -13.94 33.68 4.06
CA GLN A 569 -12.92 34.11 3.12
C GLN A 569 -11.54 34.19 3.76
N TYR A 570 -11.45 34.20 5.09
CA TYR A 570 -10.16 34.26 5.75
C TYR A 570 -9.51 32.89 5.86
N PHE A 571 -10.25 31.83 5.57
CA PHE A 571 -9.72 30.48 5.53
C PHE A 571 -9.24 30.08 4.15
N SER A 572 -9.40 30.96 3.16
CA SER A 572 -9.22 30.58 1.77
C SER A 572 -7.78 30.81 1.35
N ILE A 573 -7.05 29.71 1.11
CA ILE A 573 -5.69 29.81 0.56
C ILE A 573 -5.65 30.48 -0.81
N PRO A 574 -6.54 30.19 -1.79
CA PRO A 574 -6.49 30.95 -3.04
C PRO A 574 -6.85 32.42 -2.89
N ARG A 575 -7.60 32.83 -1.88
CA ARG A 575 -7.92 34.24 -1.74
C ARG A 575 -6.71 35.05 -1.29
N TYR A 576 -5.81 34.45 -0.52
CA TYR A 576 -4.61 35.14 -0.12
C TYR A 576 -3.58 35.21 -1.23
N GLY A 577 -3.50 34.17 -2.06
CA GLY A 577 -2.56 34.19 -3.16
C GLY A 577 -2.99 35.09 -4.29
N PHE A 578 -4.27 35.03 -4.65
CA PHE A 578 -4.80 35.85 -5.73
C PHE A 578 -4.85 37.33 -5.36
N THR A 579 -4.97 37.67 -4.08
CA THR A 579 -4.93 39.07 -3.66
C THR A 579 -3.51 39.60 -3.70
N ALA A 580 -2.53 38.80 -3.32
CA ALA A 580 -1.15 39.21 -3.39
C ALA A 580 -0.63 39.24 -4.82
N LEU A 581 -1.19 38.41 -5.69
CA LEU A 581 -0.86 38.48 -7.10
C LEU A 581 -1.54 39.66 -7.77
N GLN A 582 -2.73 40.06 -7.30
CA GLN A 582 -3.40 41.22 -7.85
C GLN A 582 -2.77 42.52 -7.39
N HIS A 583 -2.35 42.58 -6.12
CA HIS A 583 -1.70 43.77 -5.61
C HIS A 583 -0.33 43.97 -6.24
N ASN A 584 0.36 42.87 -6.55
CA ASN A 584 1.68 42.98 -7.16
C ASN A 584 1.58 43.39 -8.62
N GLU A 585 0.53 42.94 -9.31
CA GLU A 585 0.43 43.14 -10.75
C GLU A 585 -0.19 44.50 -11.10
N PHE A 586 -1.29 44.86 -10.46
CA PHE A 586 -2.06 46.02 -10.93
C PHE A 586 -1.60 47.34 -10.34
N LEU A 587 -0.78 47.33 -9.31
CA LEU A 587 -0.38 48.55 -8.62
C LEU A 587 0.66 49.27 -9.48
N GLY A 588 0.29 50.45 -9.96
CA GLY A 588 1.14 51.19 -10.86
C GLY A 588 0.80 51.02 -12.32
N GLN A 589 -0.25 50.27 -12.65
CA GLN A 589 -0.67 50.12 -14.03
C GLN A 589 -1.73 51.15 -14.38
N ASN A 590 -1.92 51.36 -15.67
CA ASN A 590 -2.93 52.27 -16.18
C ASN A 590 -3.46 51.69 -17.48
N PHE A 591 -4.78 51.71 -17.65
CA PHE A 591 -5.40 50.93 -18.71
C PHE A 591 -6.19 51.77 -19.70
N CYS A 592 -6.70 52.90 -19.25
CA CYS A 592 -7.41 53.89 -20.07
C CYS A 592 -6.68 54.67 -21.17
N PRO A 593 -5.33 54.85 -21.18
CA PRO A 593 -4.69 55.48 -22.34
C PRO A 593 -4.99 54.82 -23.68
N GLY A 594 -4.95 55.65 -24.71
CA GLY A 594 -5.65 55.41 -25.95
C GLY A 594 -6.93 56.22 -26.08
N LEU A 595 -6.97 57.40 -25.47
CA LEU A 595 -8.23 58.12 -25.27
C LEU A 595 -8.42 59.24 -26.31
N ASN A 596 -9.62 59.82 -26.27
CA ASN A 596 -10.08 60.81 -27.24
C ASN A 596 -10.04 62.22 -26.65
N ALA A 597 -10.66 63.16 -27.35
CA ALA A 597 -11.01 64.45 -26.75
C ALA A 597 -12.07 64.26 -25.68
N THR A 598 -12.98 63.30 -25.91
CA THR A 598 -13.88 62.78 -24.90
C THR A 598 -13.07 61.86 -23.95
N GLY A 599 -13.71 61.41 -22.87
CA GLY A 599 -12.98 60.73 -21.81
C GLY A 599 -12.29 59.42 -22.16
N ASN A 600 -13.03 58.32 -22.30
CA ASN A 600 -12.38 57.09 -22.77
C ASN A 600 -13.19 56.31 -23.80
N ASN A 601 -14.52 56.34 -23.70
CA ASN A 601 -15.58 55.68 -24.48
C ASN A 601 -15.62 54.15 -24.51
N PRO A 602 -15.46 53.41 -23.38
CA PRO A 602 -16.35 52.27 -23.12
C PRO A 602 -17.48 52.73 -22.21
N CYS A 603 -18.47 51.89 -21.85
CA CYS A 603 -19.27 52.18 -20.67
C CYS A 603 -19.39 50.95 -19.75
N ASN A 604 -18.49 50.89 -18.77
CA ASN A 604 -18.91 50.56 -17.42
C ASN A 604 -19.13 51.94 -16.79
N TYR A 605 -18.06 52.70 -16.65
CA TYR A 605 -17.83 53.85 -17.53
C TYR A 605 -16.43 53.61 -18.08
N ALA A 606 -15.50 53.29 -17.18
CA ALA A 606 -14.10 52.96 -17.44
C ALA A 606 -13.50 52.50 -16.11
N THR A 607 -12.47 51.66 -16.20
CA THR A 607 -11.63 51.29 -15.07
C THR A 607 -10.19 51.58 -15.47
N CYS A 608 -9.77 52.83 -15.28
CA CYS A 608 -8.51 53.30 -15.84
C CYS A 608 -7.31 52.80 -15.05
N THR A 609 -7.23 53.20 -13.79
CA THR A 609 -6.05 52.92 -12.98
C THR A 609 -6.15 51.50 -12.43
N GLY A 610 -4.99 50.87 -12.21
CA GLY A 610 -4.98 49.62 -11.48
C GLY A 610 -5.29 49.78 -10.01
N GLU A 611 -5.15 50.98 -9.46
CA GLU A 611 -5.51 51.21 -8.08
C GLU A 611 -7.03 51.20 -7.88
N GLU A 612 -7.78 51.79 -8.79
CA GLU A 612 -9.23 51.81 -8.64
C GLU A 612 -9.87 50.46 -8.92
N TYR A 613 -9.16 49.58 -9.64
CA TYR A 613 -9.58 48.18 -9.70
C TYR A 613 -9.37 47.49 -8.37
N LEU A 614 -8.33 47.86 -7.64
CA LEU A 614 -8.01 47.20 -6.38
C LEU A 614 -8.94 47.65 -5.26
N VAL A 615 -9.42 48.90 -5.29
CA VAL A 615 -10.36 49.34 -4.26
C VAL A 615 -11.76 48.81 -4.55
N LYS A 616 -12.00 48.36 -5.79
CA LYS A 616 -13.27 47.72 -6.09
C LYS A 616 -13.31 46.29 -5.55
N GLN A 617 -12.15 45.62 -5.55
CA GLN A 617 -12.04 44.30 -4.97
C GLN A 617 -11.98 44.34 -3.45
N GLY A 618 -11.60 45.46 -2.87
CA GLY A 618 -11.47 45.57 -1.44
C GLY A 618 -10.05 45.29 -0.98
N ILE A 619 -9.09 45.54 -1.85
CA ILE A 619 -7.68 45.25 -1.58
C ILE A 619 -7.01 46.54 -1.13
N ASP A 620 -6.26 46.46 -0.03
CA ASP A 620 -5.52 47.59 0.48
C ASP A 620 -4.44 48.02 -0.51
N LEU A 621 -4.19 49.33 -0.58
CA LEU A 621 -3.17 49.87 -1.47
C LEU A 621 -1.84 50.12 -0.76
N SER A 622 -1.81 49.96 0.56
CA SER A 622 -0.58 50.10 1.32
C SER A 622 0.36 48.94 1.00
N PRO A 623 1.66 49.09 1.26
CA PRO A 623 2.56 47.93 1.17
C PRO A 623 2.27 46.83 2.17
N TRP A 624 1.56 47.13 3.26
CA TRP A 624 1.08 46.07 4.15
C TRP A 624 0.00 45.23 3.47
N GLY A 625 -0.76 45.81 2.56
CA GLY A 625 -1.81 45.08 1.86
C GLY A 625 -1.32 43.99 0.94
N LEU A 626 -0.02 44.01 0.60
CA LEU A 626 0.58 42.90 -0.11
C LEU A 626 1.01 41.81 0.87
N TRP A 627 1.74 42.19 1.91
CA TRP A 627 2.34 41.25 2.84
C TRP A 627 1.42 40.85 3.97
N LYS A 628 0.19 41.37 4.00
CA LYS A 628 -0.85 40.81 4.86
C LYS A 628 -1.20 39.40 4.40
N ASN A 629 -1.12 39.15 3.10
CA ASN A 629 -1.45 37.86 2.52
C ASN A 629 -0.32 36.87 2.64
N HIS A 630 0.91 37.33 2.81
CA HIS A 630 2.06 36.44 2.96
C HIS A 630 2.33 36.06 4.41
N VAL A 631 1.84 36.84 5.37
CA VAL A 631 1.92 36.41 6.76
C VAL A 631 0.71 35.57 7.14
N ALA A 632 -0.37 35.63 6.37
CA ALA A 632 -1.51 34.76 6.63
C ALA A 632 -1.35 33.40 5.97
N LEU A 633 -0.53 33.30 4.93
CA LEU A 633 -0.16 32.00 4.40
C LEU A 633 0.97 31.38 5.20
N ALA A 634 1.82 32.19 5.83
CA ALA A 634 2.85 31.66 6.71
C ALA A 634 2.26 31.15 8.01
N CYS A 635 1.19 31.77 8.51
CA CYS A 635 0.48 31.23 9.65
C CYS A 635 -0.35 30.02 9.30
N MET A 636 -0.68 29.82 8.02
CA MET A 636 -1.32 28.58 7.63
C MET A 636 -0.32 27.46 7.37
N ILE A 637 0.95 27.78 7.11
CA ILE A 637 1.97 26.74 7.04
C ILE A 637 2.32 26.24 8.42
N VAL A 638 2.47 27.14 9.39
CA VAL A 638 2.86 26.76 10.75
C VAL A 638 1.75 25.98 11.43
N ILE A 639 0.49 26.36 11.22
CA ILE A 639 -0.62 25.71 11.89
C ILE A 639 -0.88 24.33 11.28
N PHE A 640 -0.86 24.23 9.96
CA PHE A 640 -1.14 22.95 9.31
C PHE A 640 0.00 21.96 9.42
N LEU A 641 1.23 22.43 9.62
CA LEU A 641 2.36 21.54 9.87
C LEU A 641 2.55 21.23 11.34
N THR A 642 1.83 21.91 12.23
CA THR A 642 1.78 21.49 13.62
C THR A 642 0.66 20.49 13.86
N ILE A 643 -0.46 20.63 13.14
CA ILE A 643 -1.48 19.59 13.14
C ILE A 643 -0.95 18.30 12.55
N ALA A 644 -0.19 18.41 11.46
CA ALA A 644 0.32 17.23 10.78
C ALA A 644 1.43 16.55 11.55
N TYR A 645 2.20 17.31 12.33
CA TYR A 645 3.22 16.71 13.17
C TYR A 645 2.59 15.96 14.34
N LEU A 646 1.63 16.59 15.02
CA LEU A 646 0.96 15.97 16.15
C LEU A 646 0.07 14.81 15.75
N LYS A 647 -0.37 14.75 14.50
CA LYS A 647 -1.13 13.61 14.03
C LYS A 647 -0.24 12.39 13.77
N LEU A 648 1.05 12.61 13.54
CA LEU A 648 2.01 11.51 13.51
C LEU A 648 2.56 11.21 14.89
N LEU A 649 2.62 12.23 15.75
CA LEU A 649 3.15 12.03 17.11
C LEU A 649 2.16 11.25 17.97
N PHE A 650 0.88 11.60 17.91
CA PHE A 650 -0.14 10.94 18.73
C PHE A 650 -0.82 9.81 17.99
N LEU A 651 -0.24 9.32 16.90
CA LEU A 651 -0.73 8.13 16.24
C LEU A 651 -0.49 6.92 17.13
N LYS A 652 -1.48 6.03 17.19
CA LYS A 652 -1.35 4.80 17.96
C LYS A 652 -0.57 3.81 17.11
N LYS A 653 0.67 3.54 17.52
CA LYS A 653 1.60 2.75 16.74
C LYS A 653 1.79 1.34 17.26
N TYR A 654 0.97 0.91 18.21
CA TYR A 654 1.01 -0.44 18.76
C TYR A 654 0.68 -1.50 17.71
N GLY B 34 -3.40 -39.32 -13.87
CA GLY B 34 -2.59 -38.29 -13.23
C GLY B 34 -1.83 -37.45 -14.23
N ALA B 35 -1.39 -36.27 -13.81
CA ALA B 35 -0.68 -35.35 -14.68
C ALA B 35 0.82 -35.48 -14.46
N VAL B 36 1.55 -35.73 -15.53
CA VAL B 36 2.99 -35.86 -15.50
C VAL B 36 3.57 -34.55 -16.00
N LEU B 37 3.88 -33.65 -15.08
CA LEU B 37 4.51 -32.39 -15.46
C LEU B 37 6.00 -32.62 -15.68
N SER B 38 6.51 -32.11 -16.79
CA SER B 38 7.88 -32.37 -17.23
C SER B 38 8.53 -31.05 -17.56
N PHE B 39 9.78 -30.87 -17.16
CA PHE B 39 10.49 -29.64 -17.44
C PHE B 39 11.88 -29.99 -17.95
N HIS B 40 12.27 -29.36 -19.06
CA HIS B 40 13.38 -29.81 -19.88
C HIS B 40 14.21 -28.61 -20.30
N ASN B 41 15.49 -28.61 -19.93
CA ASN B 41 16.48 -27.58 -20.27
C ASN B 41 16.03 -26.20 -19.80
N ILE B 42 15.48 -26.14 -18.59
CA ILE B 42 14.94 -24.90 -18.06
C ILE B 42 16.08 -24.00 -17.66
N CYS B 43 16.14 -22.81 -18.25
CA CYS B 43 17.04 -21.77 -17.78
C CYS B 43 16.22 -20.51 -17.54
N TYR B 44 16.77 -19.61 -16.72
CA TYR B 44 16.09 -18.36 -16.45
C TYR B 44 17.13 -17.25 -16.40
N ARG B 45 16.68 -16.01 -16.57
CA ARG B 45 17.55 -14.85 -16.54
C ARG B 45 16.76 -13.65 -16.05
N VAL B 46 17.43 -12.81 -15.27
CA VAL B 46 16.81 -11.64 -14.65
C VAL B 46 17.67 -10.44 -14.96
N LYS B 47 17.07 -9.41 -15.53
CA LYS B 47 17.77 -8.16 -15.80
C LYS B 47 17.67 -7.26 -14.57
N LEU B 48 18.81 -6.86 -14.04
CA LEU B 48 18.85 -6.01 -12.86
C LEU B 48 19.09 -4.54 -13.23
N PRO B 58 19.54 -4.24 -19.20
CA PRO B 58 20.72 -3.99 -18.37
C PRO B 58 21.59 -5.23 -18.20
N VAL B 59 22.13 -5.42 -17.01
CA VAL B 59 22.98 -6.57 -16.72
C VAL B 59 22.10 -7.75 -16.31
N GLU B 60 22.37 -8.90 -16.89
CA GLU B 60 21.56 -10.09 -16.68
C GLU B 60 22.20 -10.99 -15.62
N LYS B 61 21.36 -11.64 -14.83
CA LYS B 61 21.80 -12.60 -13.82
C LYS B 61 21.13 -13.93 -14.08
N GLU B 62 21.90 -15.01 -14.04
CA GLU B 62 21.38 -16.34 -14.35
C GLU B 62 20.97 -17.02 -13.05
N ILE B 63 19.75 -16.69 -12.62
CA ILE B 63 18.99 -17.57 -11.74
C ILE B 63 18.62 -18.78 -12.56
N LEU B 64 18.65 -19.97 -11.95
CA LEU B 64 18.20 -21.21 -12.58
C LEU B 64 18.95 -21.59 -13.85
N SER B 65 20.14 -22.15 -13.73
CA SER B 65 20.83 -22.77 -14.87
C SER B 65 20.13 -24.07 -15.26
N ASN B 66 20.76 -24.88 -16.12
CA ASN B 66 20.17 -26.05 -16.78
C ASN B 66 19.53 -27.05 -15.84
N ILE B 67 18.20 -27.18 -15.93
CA ILE B 67 17.41 -27.92 -14.95
C ILE B 67 16.44 -28.80 -15.70
N ASN B 68 16.50 -30.10 -15.44
CA ASN B 68 15.68 -31.10 -16.11
C ASN B 68 15.02 -31.96 -15.05
N GLY B 69 13.80 -32.38 -15.30
CA GLY B 69 13.12 -33.23 -14.34
C GLY B 69 11.73 -33.59 -14.79
N ILE B 70 11.15 -34.54 -14.06
CA ILE B 70 9.82 -35.09 -14.30
C ILE B 70 9.13 -35.18 -12.96
N MET B 71 7.85 -34.77 -12.90
CA MET B 71 7.09 -34.77 -11.66
C MET B 71 5.79 -35.53 -11.87
N LYS B 72 5.83 -36.83 -11.59
CA LYS B 72 4.70 -37.72 -11.76
C LYS B 72 3.71 -37.55 -10.62
N PRO B 73 2.47 -38.03 -10.78
CA PRO B 73 1.46 -37.88 -9.70
C PRO B 73 1.86 -38.54 -8.40
N GLY B 74 2.00 -37.71 -7.37
CA GLY B 74 2.46 -38.11 -6.07
C GLY B 74 2.75 -36.87 -5.24
N LEU B 75 3.83 -36.90 -4.47
CA LEU B 75 4.19 -35.80 -3.58
C LEU B 75 5.64 -35.45 -3.86
N ASN B 76 5.87 -34.37 -4.60
CA ASN B 76 7.18 -33.99 -5.12
C ASN B 76 7.71 -32.80 -4.34
N ALA B 77 8.77 -33.01 -3.57
CA ALA B 77 9.36 -31.96 -2.75
C ALA B 77 10.59 -31.36 -3.44
N ILE B 78 10.80 -30.06 -3.21
CA ILE B 78 12.00 -29.37 -3.66
C ILE B 78 12.70 -28.82 -2.42
N LEU B 79 13.89 -29.32 -2.13
CA LEU B 79 14.69 -28.88 -1.00
C LEU B 79 15.86 -28.05 -1.51
N GLY B 80 16.44 -27.26 -0.61
CA GLY B 80 17.60 -26.49 -0.95
C GLY B 80 17.81 -25.30 -0.04
N PRO B 81 18.94 -24.62 -0.17
CA PRO B 81 19.22 -23.45 0.68
C PRO B 81 18.37 -22.25 0.29
N THR B 82 18.54 -21.19 1.07
CA THR B 82 17.87 -19.94 0.78
C THR B 82 18.62 -19.22 -0.32
N GLY B 83 17.89 -18.80 -1.34
CA GLY B 83 18.50 -18.27 -2.53
C GLY B 83 18.89 -19.32 -3.55
N GLY B 84 18.41 -20.55 -3.39
CA GLY B 84 18.79 -21.62 -4.30
C GLY B 84 18.05 -21.62 -5.62
N GLY B 85 16.89 -20.98 -5.67
CA GLY B 85 16.09 -20.94 -6.88
C GLY B 85 14.85 -21.78 -6.79
N LYS B 86 14.30 -21.93 -5.58
CA LYS B 86 13.17 -22.83 -5.40
C LYS B 86 11.85 -22.17 -5.74
N SER B 87 11.69 -20.88 -5.41
CA SER B 87 10.51 -20.14 -5.83
C SER B 87 10.59 -19.71 -7.28
N SER B 88 11.79 -19.75 -7.87
CA SER B 88 11.93 -19.44 -9.28
C SER B 88 11.63 -20.64 -10.14
N LEU B 89 12.00 -21.85 -9.70
CA LEU B 89 11.63 -23.06 -10.43
C LEU B 89 10.14 -23.31 -10.32
N LEU B 90 9.56 -22.96 -9.20
CA LEU B 90 8.16 -23.25 -8.93
C LEU B 90 7.24 -22.24 -9.61
N ASP B 91 7.77 -21.08 -9.98
CA ASP B 91 7.09 -20.11 -10.83
C ASP B 91 7.21 -20.41 -12.31
N VAL B 92 8.37 -20.91 -12.75
CA VAL B 92 8.53 -21.36 -14.13
C VAL B 92 7.57 -22.52 -14.43
N LEU B 93 7.44 -23.43 -13.47
CA LEU B 93 6.62 -24.62 -13.66
C LEU B 93 5.13 -24.28 -13.67
N ALA B 94 4.74 -23.19 -13.01
CA ALA B 94 3.35 -22.77 -12.93
C ALA B 94 2.99 -21.67 -13.92
N ALA B 95 3.89 -21.36 -14.86
CA ALA B 95 3.71 -20.32 -15.89
C ALA B 95 3.41 -18.96 -15.29
N ARG B 96 4.29 -18.51 -14.41
CA ARG B 96 4.14 -17.23 -13.75
C ARG B 96 5.40 -16.39 -13.91
N LYS B 97 6.33 -16.82 -14.76
CA LYS B 97 7.50 -16.05 -15.11
C LYS B 97 7.34 -15.45 -16.49
N ASP B 98 7.98 -14.30 -16.68
CA ASP B 98 8.03 -13.65 -17.98
C ASP B 98 8.83 -14.53 -18.93
N PRO B 99 8.27 -14.96 -20.06
CA PRO B 99 9.00 -15.90 -20.94
C PRO B 99 10.12 -15.27 -21.75
N SER B 100 10.41 -13.98 -21.58
CA SER B 100 11.55 -13.40 -22.28
C SER B 100 12.87 -13.87 -21.69
N GLY B 101 12.88 -14.21 -20.40
CA GLY B 101 14.04 -14.77 -19.75
C GLY B 101 14.08 -16.27 -19.66
N LEU B 102 13.00 -16.94 -20.02
CA LEU B 102 12.86 -18.37 -19.81
C LEU B 102 13.30 -19.12 -21.05
N SER B 103 14.09 -20.19 -20.85
CA SER B 103 14.85 -20.78 -21.95
C SER B 103 14.64 -22.28 -22.06
N GLY B 104 13.45 -22.77 -21.75
CA GLY B 104 13.18 -24.18 -21.91
C GLY B 104 11.72 -24.45 -22.22
N ASP B 105 11.28 -25.69 -22.02
CA ASP B 105 9.88 -26.02 -22.24
C ASP B 105 9.36 -26.89 -21.12
N VAL B 106 8.24 -26.47 -20.53
CA VAL B 106 7.54 -27.24 -19.51
C VAL B 106 6.30 -27.84 -20.15
N LEU B 107 6.09 -29.14 -19.95
CA LEU B 107 5.02 -29.88 -20.62
C LEU B 107 4.24 -30.68 -19.60
N ILE B 108 2.92 -30.68 -19.72
CA ILE B 108 2.04 -31.53 -18.93
C ILE B 108 1.58 -32.67 -19.82
N ASN B 109 1.88 -33.90 -19.39
CA ASN B 109 1.57 -35.14 -20.11
C ASN B 109 2.18 -35.18 -21.51
N GLY B 110 3.36 -34.59 -21.68
CA GLY B 110 4.05 -34.60 -22.95
C GLY B 110 3.57 -33.60 -23.97
N ALA B 111 2.49 -32.90 -23.70
CA ALA B 111 1.93 -31.82 -24.51
C ALA B 111 2.16 -30.49 -23.80
N PRO B 112 2.18 -29.37 -24.51
CA PRO B 112 2.25 -28.08 -23.82
C PRO B 112 0.98 -27.80 -23.04
N ARG B 113 1.10 -26.89 -22.08
CA ARG B 113 -0.01 -26.63 -21.19
C ARG B 113 -1.09 -25.83 -21.90
N PRO B 114 -2.36 -26.08 -21.59
CA PRO B 114 -3.44 -25.41 -22.30
C PRO B 114 -3.65 -24.00 -21.76
N ALA B 115 -4.66 -23.33 -22.32
CA ALA B 115 -4.99 -21.99 -21.87
C ALA B 115 -5.78 -22.00 -20.57
N ASN B 116 -6.51 -23.07 -20.30
CA ASN B 116 -7.22 -23.21 -19.02
C ASN B 116 -6.37 -23.96 -18.00
N PHE B 117 -5.15 -23.47 -17.80
CA PHE B 117 -4.25 -24.07 -16.82
C PHE B 117 -4.44 -23.46 -15.44
N LYS B 118 -4.60 -22.14 -15.37
CA LYS B 118 -4.84 -21.49 -14.09
C LYS B 118 -6.20 -21.83 -13.51
N CYS B 119 -7.14 -22.24 -14.36
CA CYS B 119 -8.43 -22.72 -13.92
C CYS B 119 -8.46 -24.24 -13.77
N ASN B 120 -7.31 -24.89 -13.80
CA ASN B 120 -7.20 -26.31 -13.51
C ASN B 120 -6.07 -26.63 -12.55
N SER B 121 -5.27 -25.65 -12.15
CA SER B 121 -4.17 -25.84 -11.23
C SER B 121 -4.31 -24.88 -10.07
N GLY B 122 -3.48 -25.08 -9.05
CA GLY B 122 -3.45 -24.20 -7.90
C GLY B 122 -2.02 -23.88 -7.52
N TYR B 123 -1.74 -22.63 -7.19
CA TYR B 123 -0.43 -22.22 -6.71
C TYR B 123 -0.63 -21.44 -5.42
N VAL B 124 -0.24 -22.05 -4.31
CA VAL B 124 -0.14 -21.35 -3.03
C VAL B 124 1.21 -20.64 -3.00
N VAL B 125 1.18 -19.32 -3.05
CA VAL B 125 2.41 -18.54 -3.11
C VAL B 125 2.91 -18.28 -1.70
N GLN B 126 4.15 -17.83 -1.60
CA GLN B 126 4.89 -17.79 -0.35
C GLN B 126 4.43 -16.69 0.60
N ASP B 127 4.04 -15.52 0.09
CA ASP B 127 3.87 -14.34 0.94
C ASP B 127 2.41 -14.02 1.26
N ASP B 128 1.49 -14.96 1.06
CA ASP B 128 0.14 -14.96 1.65
C ASP B 128 -0.68 -13.72 1.25
N VAL B 129 -1.01 -13.66 -0.04
CA VAL B 129 -1.82 -12.56 -0.54
C VAL B 129 -3.28 -12.89 -0.21
N VAL B 130 -3.74 -12.42 0.95
CA VAL B 130 -5.09 -12.66 1.45
C VAL B 130 -5.74 -11.31 1.66
N MET B 131 -7.03 -11.20 1.37
CA MET B 131 -7.76 -9.97 1.66
C MET B 131 -8.01 -9.87 3.17
N GLY B 132 -7.48 -8.81 3.77
CA GLY B 132 -7.52 -8.61 5.20
C GLY B 132 -8.69 -7.80 5.71
N THR B 133 -9.69 -7.53 4.89
CA THR B 133 -10.92 -6.98 5.39
C THR B 133 -12.02 -8.03 5.37
N LEU B 134 -11.75 -9.16 4.78
CA LEU B 134 -12.65 -10.29 4.81
C LEU B 134 -12.25 -11.21 5.96
N THR B 135 -12.93 -12.33 6.04
CA THR B 135 -12.80 -13.26 7.14
C THR B 135 -12.10 -14.51 6.59
N VAL B 136 -11.71 -15.42 7.47
CA VAL B 136 -11.12 -16.68 7.04
C VAL B 136 -12.15 -17.50 6.28
N ARG B 137 -13.40 -17.50 6.73
CA ARG B 137 -14.45 -18.19 5.99
C ARG B 137 -14.90 -17.41 4.78
N GLU B 138 -14.83 -16.08 4.84
CA GLU B 138 -15.25 -15.24 3.72
C GLU B 138 -14.28 -15.31 2.56
N ASN B 139 -12.97 -15.40 2.85
CA ASN B 139 -11.98 -15.58 1.81
C ASN B 139 -12.06 -16.97 1.20
N LEU B 140 -12.45 -17.95 2.00
CA LEU B 140 -12.72 -19.29 1.51
C LEU B 140 -14.03 -19.36 0.74
N GLN B 141 -15.02 -18.55 1.10
CA GLN B 141 -16.26 -18.52 0.36
C GLN B 141 -16.11 -17.84 -0.98
N PHE B 142 -15.22 -16.85 -1.07
CA PHE B 142 -15.02 -16.14 -2.32
C PHE B 142 -14.32 -17.01 -3.34
N SER B 143 -13.28 -17.74 -2.93
CA SER B 143 -12.52 -18.55 -3.88
C SER B 143 -13.23 -19.85 -4.22
N ALA B 144 -14.17 -20.31 -3.38
CA ALA B 144 -14.99 -21.43 -3.77
C ALA B 144 -16.10 -21.03 -4.74
N ALA B 145 -16.52 -19.77 -4.70
CA ALA B 145 -17.60 -19.32 -5.55
C ALA B 145 -17.15 -19.03 -6.96
N LEU B 146 -15.91 -18.63 -7.16
CA LEU B 146 -15.41 -18.26 -8.47
C LEU B 146 -14.53 -19.32 -9.12
N ARG B 147 -14.03 -20.28 -8.36
CA ARG B 147 -13.13 -21.28 -8.89
C ARG B 147 -13.68 -22.70 -8.80
N LEU B 148 -14.89 -22.88 -8.29
CA LEU B 148 -15.62 -24.13 -8.45
C LEU B 148 -16.84 -23.86 -9.32
N ALA B 149 -17.23 -24.86 -10.11
CA ALA B 149 -18.32 -24.71 -11.06
C ALA B 149 -19.65 -24.58 -10.34
N THR B 150 -20.56 -23.82 -10.96
CA THR B 150 -21.84 -23.50 -10.35
C THR B 150 -22.89 -24.59 -10.52
N THR B 151 -22.52 -25.76 -11.03
CA THR B 151 -23.38 -26.92 -10.91
C THR B 151 -23.47 -27.40 -9.46
N MET B 152 -22.48 -27.07 -8.64
CA MET B 152 -22.54 -27.28 -7.21
C MET B 152 -23.38 -26.19 -6.57
N THR B 153 -24.22 -26.58 -5.62
CA THR B 153 -25.07 -25.66 -4.89
C THR B 153 -24.21 -24.78 -3.98
N ASN B 154 -24.73 -23.59 -3.66
CA ASN B 154 -24.05 -22.74 -2.69
C ASN B 154 -24.09 -23.31 -1.28
N HIS B 155 -25.06 -24.17 -0.98
CA HIS B 155 -25.04 -24.91 0.27
C HIS B 155 -23.95 -25.97 0.27
N GLU B 156 -23.74 -26.63 -0.87
CA GLU B 156 -22.76 -27.71 -0.92
C GLU B 156 -21.36 -27.18 -1.12
N LYS B 157 -21.24 -25.95 -1.61
CA LYS B 157 -19.94 -25.28 -1.62
C LYS B 157 -19.51 -24.93 -0.20
N ASN B 158 -20.44 -24.49 0.65
CA ASN B 158 -20.12 -24.19 2.03
C ASN B 158 -19.92 -25.44 2.87
N GLU B 159 -20.47 -26.58 2.43
CA GLU B 159 -20.23 -27.83 3.13
C GLU B 159 -18.80 -28.31 2.92
N ARG B 160 -18.22 -27.98 1.76
CA ARG B 160 -16.82 -28.27 1.48
C ARG B 160 -15.88 -27.23 2.08
N ILE B 161 -16.38 -26.03 2.36
CA ILE B 161 -15.56 -25.02 3.05
C ILE B 161 -15.40 -25.39 4.51
N ASN B 162 -16.47 -25.92 5.12
CA ASN B 162 -16.39 -26.39 6.50
C ASN B 162 -15.45 -27.57 6.66
N ARG B 163 -15.34 -28.41 5.63
CA ARG B 163 -14.44 -29.55 5.68
C ARG B 163 -12.98 -29.13 5.60
N VAL B 164 -12.70 -28.07 4.84
CA VAL B 164 -11.33 -27.59 4.69
C VAL B 164 -10.92 -26.78 5.93
N ILE B 165 -11.86 -26.08 6.55
CA ILE B 165 -11.60 -25.38 7.80
C ILE B 165 -11.32 -26.37 8.93
N GLN B 166 -12.04 -27.49 8.95
CA GLN B 166 -11.79 -28.52 9.96
C GLN B 166 -10.47 -29.23 9.72
N GLU B 167 -10.17 -29.57 8.46
CA GLU B 167 -8.95 -30.30 8.14
C GLU B 167 -7.70 -29.47 8.30
N LEU B 168 -7.77 -28.16 8.14
CA LEU B 168 -6.61 -27.31 8.35
C LEU B 168 -6.53 -26.74 9.76
N GLY B 169 -7.52 -26.97 10.60
CA GLY B 169 -7.45 -26.49 11.96
C GLY B 169 -7.74 -25.01 12.10
N LEU B 170 -8.68 -24.50 11.33
CA LEU B 170 -9.00 -23.07 11.33
C LEU B 170 -10.32 -22.78 12.03
N ASP B 171 -10.66 -23.58 13.05
CA ASP B 171 -12.00 -23.48 13.64
C ASP B 171 -12.15 -22.26 14.52
N LYS B 172 -11.15 -21.97 15.34
CA LYS B 172 -11.26 -20.85 16.27
C LYS B 172 -11.10 -19.50 15.58
N VAL B 173 -10.66 -19.47 14.33
CA VAL B 173 -10.47 -18.22 13.61
C VAL B 173 -11.27 -18.18 12.31
N ALA B 174 -12.20 -19.12 12.11
CA ALA B 174 -12.97 -19.19 10.88
C ALA B 174 -13.85 -17.97 10.67
N ASP B 175 -14.44 -17.45 11.75
CA ASP B 175 -15.25 -16.25 11.67
C ASP B 175 -14.53 -15.05 12.28
N SER B 176 -13.20 -15.05 12.22
CA SER B 176 -12.34 -13.96 12.66
C SER B 176 -11.59 -13.39 11.46
N LYS B 177 -11.37 -12.08 11.49
CA LYS B 177 -10.83 -11.37 10.33
C LYS B 177 -9.36 -11.69 10.13
N VAL B 178 -8.99 -12.00 8.88
CA VAL B 178 -7.60 -11.91 8.48
C VAL B 178 -7.18 -10.47 8.62
N GLY B 179 -6.00 -10.23 9.12
CA GLY B 179 -5.60 -8.87 9.39
C GLY B 179 -5.01 -8.17 8.19
N THR B 180 -4.94 -6.86 8.29
CA THR B 180 -4.13 -6.05 7.40
C THR B 180 -2.79 -5.78 8.11
N GLN B 181 -1.98 -4.91 7.53
CA GLN B 181 -0.70 -4.57 8.15
C GLN B 181 -0.81 -3.48 9.20
N PHE B 182 -2.01 -2.99 9.46
CA PHE B 182 -2.21 -1.98 10.48
C PHE B 182 -3.09 -2.44 11.61
N ILE B 183 -4.11 -3.23 11.32
CA ILE B 183 -4.91 -3.87 12.34
C ILE B 183 -4.53 -5.35 12.35
N ARG B 184 -3.97 -5.79 13.44
CA ARG B 184 -3.64 -7.20 13.44
C ARG B 184 -4.93 -7.97 13.55
N GLY B 185 -4.92 -9.16 13.05
CA GLY B 185 -6.02 -10.09 13.16
C GLY B 185 -5.50 -11.50 13.37
N VAL B 186 -5.89 -12.36 12.45
CA VAL B 186 -5.35 -13.71 12.33
C VAL B 186 -3.82 -13.71 12.29
N SER B 187 -3.22 -14.69 12.98
CA SER B 187 -1.78 -14.78 13.11
C SER B 187 -1.15 -15.27 11.80
N GLY B 188 0.18 -15.35 11.80
CA GLY B 188 0.91 -15.62 10.58
C GLY B 188 0.76 -17.03 10.07
N GLY B 189 0.65 -18.00 10.96
CA GLY B 189 0.45 -19.37 10.58
C GLY B 189 -0.99 -19.67 10.26
N GLU B 190 -1.91 -18.94 10.88
CA GLU B 190 -3.33 -19.10 10.57
C GLU B 190 -3.71 -18.41 9.28
N ARG B 191 -2.95 -17.38 8.89
CA ARG B 191 -3.12 -16.75 7.58
C ARG B 191 -2.45 -17.58 6.49
N LYS B 192 -1.37 -18.29 6.83
CA LYS B 192 -0.75 -19.23 5.92
C LYS B 192 -1.69 -20.36 5.56
N ARG B 193 -2.43 -20.89 6.53
CA ARG B 193 -3.34 -21.98 6.25
C ARG B 193 -4.60 -21.51 5.55
N THR B 194 -4.91 -20.22 5.61
CA THR B 194 -5.99 -19.67 4.81
C THR B 194 -5.62 -19.63 3.33
N SER B 195 -4.36 -19.28 3.05
CA SER B 195 -3.88 -19.28 1.67
C SER B 195 -3.80 -20.68 1.10
N ILE B 196 -3.43 -21.65 1.94
CA ILE B 196 -3.45 -23.05 1.53
C ILE B 196 -4.86 -23.50 1.23
N GLY B 197 -5.81 -23.18 2.10
CA GLY B 197 -7.17 -23.66 1.95
C GLY B 197 -7.95 -23.01 0.84
N MET B 198 -7.57 -21.79 0.46
CA MET B 198 -8.23 -21.14 -0.66
C MET B 198 -7.88 -21.80 -1.99
N GLU B 199 -6.64 -22.30 -2.11
CA GLU B 199 -6.23 -23.06 -3.28
C GLU B 199 -6.39 -24.56 -3.09
N LEU B 200 -7.30 -24.98 -2.23
CA LEU B 200 -7.51 -26.38 -1.91
C LEU B 200 -8.97 -26.80 -1.93
N ILE B 201 -9.90 -25.87 -1.77
CA ILE B 201 -11.31 -26.12 -2.03
C ILE B 201 -11.58 -26.29 -3.51
N THR B 202 -10.73 -25.71 -4.35
CA THR B 202 -10.92 -25.72 -5.79
C THR B 202 -10.65 -27.07 -6.43
N ASP B 203 -10.09 -28.03 -5.69
CA ASP B 203 -9.61 -29.35 -6.13
C ASP B 203 -8.76 -29.31 -7.39
N PRO B 204 -7.57 -28.73 -7.36
CA PRO B 204 -6.74 -28.69 -8.56
C PRO B 204 -6.08 -30.04 -8.79
N SER B 205 -5.79 -30.33 -10.05
CA SER B 205 -5.14 -31.60 -10.37
C SER B 205 -3.63 -31.49 -10.25
N ILE B 206 -3.07 -30.32 -10.54
CA ILE B 206 -1.67 -30.03 -10.25
C ILE B 206 -1.64 -28.91 -9.23
N LEU B 207 -1.00 -29.14 -8.09
CA LEU B 207 -0.99 -28.16 -7.02
C LEU B 207 0.45 -27.78 -6.73
N PHE B 208 0.75 -26.49 -6.81
CA PHE B 208 2.06 -25.97 -6.45
C PHE B 208 1.95 -25.24 -5.12
N LEU B 209 2.90 -25.47 -4.23
CA LEU B 209 2.90 -24.79 -2.94
C LEU B 209 4.27 -24.20 -2.66
N ASP B 210 4.31 -22.91 -2.39
CA ASP B 210 5.57 -22.21 -2.13
C ASP B 210 5.79 -22.18 -0.62
N GLN B 211 6.55 -23.16 -0.13
CA GLN B 211 6.88 -23.40 1.27
C GLN B 211 5.65 -23.42 2.16
N PRO B 212 4.81 -24.46 2.07
CA PRO B 212 3.48 -24.39 2.71
C PRO B 212 3.51 -24.50 4.21
N THR B 213 4.65 -24.84 4.81
CA THR B 213 4.73 -25.11 6.23
C THR B 213 5.72 -24.21 6.95
N THR B 214 6.18 -23.14 6.32
CA THR B 214 6.93 -22.14 7.05
C THR B 214 5.95 -21.19 7.69
N GLY B 215 6.07 -21.02 9.00
CA GLY B 215 5.07 -20.36 9.80
C GLY B 215 4.20 -21.34 10.57
N LEU B 216 4.28 -22.62 10.25
CA LEU B 216 3.58 -23.67 10.98
C LEU B 216 4.55 -24.35 11.93
N ASP B 217 3.98 -24.94 12.97
CA ASP B 217 4.77 -25.66 13.97
C ASP B 217 4.87 -27.12 13.55
N SER B 218 5.71 -27.90 14.24
CA SER B 218 6.08 -29.22 13.76
C SER B 218 4.95 -30.24 13.83
N SER B 219 3.87 -29.92 14.52
CA SER B 219 2.72 -30.81 14.55
C SER B 219 1.61 -30.41 13.59
N THR B 220 1.49 -29.11 13.28
CA THR B 220 0.57 -28.68 12.23
C THR B 220 1.20 -28.84 10.85
N ALA B 221 2.53 -28.75 10.77
CA ALA B 221 3.19 -28.98 9.50
C ALA B 221 3.08 -30.43 9.06
N ASN B 222 3.10 -31.36 10.00
CA ASN B 222 2.91 -32.77 9.67
C ASN B 222 1.47 -33.07 9.34
N ALA B 223 0.52 -32.39 9.99
CA ALA B 223 -0.89 -32.59 9.71
C ALA B 223 -1.29 -31.99 8.38
N VAL B 224 -0.54 -31.00 7.88
CA VAL B 224 -0.82 -30.44 6.57
C VAL B 224 -0.28 -31.35 5.46
N LEU B 225 0.95 -31.86 5.61
CA LEU B 225 1.46 -32.77 4.60
C LEU B 225 0.84 -34.16 4.68
N LEU B 226 0.22 -34.55 5.79
CA LEU B 226 -0.55 -35.78 5.77
C LEU B 226 -1.88 -35.57 5.08
N LEU B 227 -2.35 -34.33 5.05
CA LEU B 227 -3.54 -33.99 4.26
C LEU B 227 -3.21 -33.97 2.78
N LEU B 228 -2.01 -33.50 2.42
CA LEU B 228 -1.59 -33.50 1.03
C LEU B 228 -1.29 -34.91 0.53
N LYS B 229 -0.69 -35.74 1.39
CA LYS B 229 -0.39 -37.13 1.03
C LYS B 229 -1.68 -37.92 0.82
N ARG B 230 -2.72 -37.63 1.58
CA ARG B 230 -4.04 -38.21 1.34
C ARG B 230 -4.62 -37.72 0.02
N MET B 231 -4.38 -36.46 -0.31
CA MET B 231 -4.86 -35.86 -1.54
C MET B 231 -4.07 -36.31 -2.75
N SER B 232 -2.77 -36.59 -2.57
CA SER B 232 -1.91 -37.01 -3.66
C SER B 232 -2.15 -38.46 -4.06
N LYS B 233 -2.78 -39.25 -3.21
CA LYS B 233 -3.09 -40.64 -3.53
C LYS B 233 -4.40 -40.78 -4.28
N GLN B 234 -5.10 -39.68 -4.55
CA GLN B 234 -6.23 -39.70 -5.46
C GLN B 234 -5.82 -39.45 -6.91
N GLY B 235 -4.55 -39.15 -7.15
CA GLY B 235 -4.06 -38.88 -8.49
C GLY B 235 -3.63 -37.45 -8.73
N ARG B 236 -3.46 -36.66 -7.69
CA ARG B 236 -3.03 -35.28 -7.85
C ARG B 236 -1.51 -35.21 -7.88
N THR B 237 -0.99 -34.31 -8.69
CA THR B 237 0.44 -34.02 -8.69
C THR B 237 0.67 -32.79 -7.81
N ILE B 238 1.44 -32.97 -6.75
CA ILE B 238 1.63 -31.93 -5.75
C ILE B 238 3.12 -31.62 -5.70
N ILE B 239 3.50 -30.45 -6.21
CA ILE B 239 4.90 -30.01 -6.25
C ILE B 239 5.05 -28.90 -5.21
N PHE B 240 5.99 -29.05 -4.30
CA PHE B 240 6.19 -28.00 -3.32
C PHE B 240 7.67 -27.84 -3.01
N SER B 241 8.02 -26.66 -2.52
CA SER B 241 9.29 -26.43 -1.86
C SER B 241 9.07 -26.49 -0.35
N ILE B 242 10.10 -26.85 0.39
CA ILE B 242 9.93 -27.03 1.83
C ILE B 242 11.24 -26.68 2.54
N HIS B 243 11.12 -26.05 3.70
CA HIS B 243 12.25 -25.71 4.54
C HIS B 243 12.11 -26.40 5.87
N GLN B 244 13.21 -27.00 6.32
CA GLN B 244 13.29 -27.76 7.57
C GLN B 244 12.20 -28.80 7.81
N PRO B 245 12.07 -29.84 6.96
CA PRO B 245 11.08 -30.87 7.24
C PRO B 245 11.60 -31.89 8.24
N ARG B 246 10.70 -32.37 9.09
CA ARG B 246 11.09 -33.41 10.03
C ARG B 246 11.06 -34.76 9.33
N TYR B 247 11.48 -35.80 10.07
CA TYR B 247 11.65 -37.11 9.46
C TYR B 247 10.32 -37.76 9.12
N SER B 248 9.26 -37.44 9.85
CA SER B 248 7.96 -37.98 9.49
C SER B 248 7.37 -37.28 8.27
N ILE B 249 7.79 -36.04 8.00
CA ILE B 249 7.37 -35.34 6.80
C ILE B 249 8.17 -35.79 5.60
N PHE B 250 9.49 -35.99 5.78
CA PHE B 250 10.36 -36.44 4.70
C PHE B 250 10.00 -37.84 4.23
N LYS B 251 9.42 -38.68 5.08
CA LYS B 251 9.05 -40.02 4.68
C LYS B 251 7.83 -40.06 3.77
N LEU B 252 7.13 -38.93 3.60
CA LEU B 252 5.97 -38.87 2.75
C LEU B 252 6.30 -38.56 1.30
N PHE B 253 7.52 -38.13 1.01
CA PHE B 253 7.87 -37.63 -0.32
C PHE B 253 7.96 -38.79 -1.31
N ASP B 254 7.46 -38.57 -2.52
CA ASP B 254 7.59 -39.52 -3.60
C ASP B 254 8.71 -39.17 -4.56
N SER B 255 9.08 -37.90 -4.62
CA SER B 255 10.14 -37.41 -5.48
C SER B 255 10.90 -36.34 -4.73
N LEU B 256 12.21 -36.27 -4.94
CA LEU B 256 13.04 -35.28 -4.29
C LEU B 256 13.82 -34.48 -5.32
N THR B 257 13.87 -33.18 -5.12
CA THR B 257 14.61 -32.25 -5.97
C THR B 257 15.47 -31.39 -5.06
N LEU B 258 16.73 -31.22 -5.39
CA LEU B 258 17.65 -30.46 -4.55
C LEU B 258 18.28 -29.34 -5.37
N LEU B 259 17.81 -28.12 -5.16
CA LEU B 259 18.33 -26.93 -5.81
C LEU B 259 19.41 -26.30 -4.96
N ALA B 260 20.45 -25.78 -5.61
CA ALA B 260 21.45 -24.98 -4.91
C ALA B 260 22.09 -24.04 -5.91
N SER B 261 21.95 -22.73 -5.67
CA SER B 261 22.48 -21.65 -6.50
C SER B 261 22.00 -21.75 -7.95
N GLY B 262 20.77 -22.23 -8.14
CA GLY B 262 20.18 -22.33 -9.45
C GLY B 262 20.45 -23.61 -10.19
N ARG B 263 21.32 -24.47 -9.68
CA ARG B 263 21.61 -25.74 -10.33
C ARG B 263 21.01 -26.88 -9.54
N LEU B 264 20.96 -28.04 -10.17
CA LEU B 264 20.32 -29.23 -9.61
C LEU B 264 21.40 -30.11 -8.98
N MET B 265 21.29 -30.33 -7.67
CA MET B 265 22.24 -31.22 -7.01
C MET B 265 21.79 -32.67 -7.06
N PHE B 266 20.48 -32.89 -7.16
CA PHE B 266 19.89 -34.21 -7.22
C PHE B 266 18.44 -34.06 -7.67
N HIS B 267 17.97 -35.03 -8.44
CA HIS B 267 16.55 -35.16 -8.73
C HIS B 267 16.25 -36.63 -8.95
N GLY B 268 15.25 -37.13 -8.27
CA GLY B 268 14.84 -38.51 -8.41
C GLY B 268 13.88 -38.88 -7.31
N PRO B 269 13.83 -40.16 -6.95
CA PRO B 269 13.03 -40.56 -5.80
C PRO B 269 13.67 -40.08 -4.50
N ALA B 270 12.83 -39.96 -3.48
CA ALA B 270 13.32 -39.54 -2.18
C ALA B 270 13.83 -40.72 -1.37
N GLN B 271 13.32 -41.91 -1.65
CA GLN B 271 13.78 -43.11 -0.96
C GLN B 271 15.18 -43.52 -1.41
N GLU B 272 15.52 -43.29 -2.68
CA GLU B 272 16.84 -43.56 -3.21
C GLU B 272 17.74 -42.34 -3.18
N ALA B 273 17.45 -41.35 -2.34
CA ALA B 273 18.25 -40.15 -2.25
C ALA B 273 19.40 -40.27 -1.28
N LEU B 274 19.19 -40.97 -0.17
CA LEU B 274 20.25 -41.16 0.82
C LEU B 274 21.34 -42.06 0.28
N GLY B 275 20.97 -43.11 -0.44
CA GLY B 275 21.92 -43.99 -1.07
C GLY B 275 22.64 -43.42 -2.26
N TYR B 276 22.20 -42.28 -2.78
CA TYR B 276 22.93 -41.60 -3.83
C TYR B 276 24.14 -40.85 -3.26
N PHE B 277 23.96 -40.22 -2.09
CA PHE B 277 25.03 -39.48 -1.47
C PHE B 277 26.03 -40.35 -0.73
N GLU B 278 25.70 -41.63 -0.49
CA GLU B 278 26.67 -42.56 0.05
C GLU B 278 27.75 -42.88 -0.97
N SER B 279 27.39 -42.94 -2.25
CA SER B 279 28.37 -43.20 -3.29
C SER B 279 29.25 -42.00 -3.57
N ALA B 280 28.77 -40.79 -3.28
CA ALA B 280 29.53 -39.58 -3.50
C ALA B 280 30.47 -39.24 -2.35
N GLY B 281 30.52 -40.08 -1.32
CA GLY B 281 31.47 -39.90 -0.24
C GLY B 281 30.91 -39.35 1.05
N TYR B 282 29.59 -39.30 1.20
CA TYR B 282 28.95 -38.70 2.37
C TYR B 282 28.13 -39.76 3.08
N HIS B 283 28.54 -40.13 4.29
CA HIS B 283 27.81 -41.14 5.05
C HIS B 283 26.80 -40.46 5.97
N CYS B 284 25.69 -41.16 6.20
CA CYS B 284 24.49 -40.49 6.69
C CYS B 284 24.53 -40.21 8.19
N GLU B 285 24.57 -41.26 9.02
CA GLU B 285 24.06 -41.10 10.39
C GLU B 285 25.07 -40.44 11.33
N ALA B 286 25.42 -39.20 11.01
CA ALA B 286 25.65 -38.19 12.05
C ALA B 286 24.41 -37.34 12.18
N TYR B 287 23.37 -37.65 11.41
CA TYR B 287 22.08 -36.97 11.44
C TYR B 287 20.99 -38.02 11.34
N ASN B 288 20.07 -38.03 12.31
CA ASN B 288 18.94 -38.95 12.25
C ASN B 288 17.88 -38.56 11.24
N ASN B 289 17.94 -37.34 10.71
CA ASN B 289 17.02 -36.86 9.70
C ASN B 289 17.76 -36.70 8.39
N PRO B 290 17.34 -37.37 7.30
CA PRO B 290 18.07 -37.22 6.03
C PRO B 290 17.92 -35.85 5.40
N ALA B 291 16.83 -35.12 5.65
CA ALA B 291 16.70 -33.78 5.10
C ALA B 291 17.65 -32.79 5.78
N ASP B 292 18.05 -33.07 7.02
CA ASP B 292 19.08 -32.30 7.68
C ASP B 292 20.46 -32.71 7.21
N PHE B 293 20.59 -33.91 6.66
CA PHE B 293 21.84 -34.40 6.08
C PHE B 293 22.05 -33.89 4.66
N PHE B 294 20.97 -33.76 3.88
CA PHE B 294 21.08 -33.36 2.48
C PHE B 294 21.47 -31.90 2.35
N LEU B 295 21.04 -31.06 3.27
CA LEU B 295 21.27 -29.65 3.17
C LEU B 295 22.50 -29.19 3.95
N ASP B 296 23.14 -30.08 4.69
CA ASP B 296 24.46 -29.78 5.21
C ASP B 296 25.55 -30.04 4.18
N ILE B 297 25.27 -30.91 3.21
CA ILE B 297 26.20 -31.10 2.10
C ILE B 297 26.16 -29.90 1.16
N ILE B 298 24.99 -29.57 0.65
CA ILE B 298 24.84 -28.63 -0.46
C ILE B 298 24.87 -27.18 0.02
N ASN B 299 25.06 -26.97 1.32
CA ASN B 299 25.22 -25.63 1.88
C ASN B 299 26.52 -25.49 2.66
N GLY B 300 27.45 -26.44 2.53
CA GLY B 300 28.71 -26.34 3.23
C GLY B 300 29.60 -25.22 2.73
N ASP B 301 29.38 -24.77 1.49
CA ASP B 301 30.12 -23.66 0.91
C ASP B 301 29.61 -22.31 1.36
N SER B 302 28.47 -22.27 2.07
CA SER B 302 27.90 -21.02 2.53
C SER B 302 28.77 -20.39 3.61
N THR B 303 28.93 -19.08 3.54
CA THR B 303 29.82 -18.35 4.43
C THR B 303 29.23 -18.14 5.82
N ALA B 304 27.92 -18.31 5.98
CA ALA B 304 27.34 -18.29 7.32
C ALA B 304 27.73 -19.56 8.08
N VAL B 305 27.78 -20.68 7.37
CA VAL B 305 28.14 -21.95 7.99
C VAL B 305 29.64 -22.03 8.23
N ALA B 306 30.43 -21.38 7.38
CA ALA B 306 31.87 -21.37 7.53
C ALA B 306 32.33 -20.45 8.65
N LEU B 307 31.52 -19.47 9.04
CA LEU B 307 31.89 -18.51 10.07
C LEU B 307 31.31 -18.82 11.44
N ASN B 308 30.34 -19.73 11.52
CA ASN B 308 29.62 -20.01 12.75
C ASN B 308 29.73 -21.50 13.03
N ARG B 309 30.49 -21.83 14.11
CA ARG B 309 30.86 -23.15 14.62
C ARG B 309 31.91 -23.82 13.74
N GLU B 310 32.26 -23.21 12.62
CA GLU B 310 33.30 -23.74 11.74
C GLU B 310 34.35 -22.68 11.47
N LYS B 326 35.93 -27.72 -8.46
CA LYS B 326 36.61 -27.27 -7.25
C LYS B 326 35.70 -26.53 -6.22
N PRO B 327 34.75 -25.68 -6.63
CA PRO B 327 33.71 -25.28 -5.67
C PRO B 327 32.80 -26.46 -5.35
N LEU B 328 32.17 -26.38 -4.18
CA LEU B 328 31.32 -27.49 -3.73
C LEU B 328 30.06 -27.61 -4.57
N ILE B 329 29.58 -26.51 -5.15
CA ILE B 329 28.39 -26.57 -5.98
C ILE B 329 28.71 -27.20 -7.32
N GLU B 330 29.79 -26.76 -7.96
CA GLU B 330 30.17 -27.31 -9.26
C GLU B 330 30.73 -28.71 -9.15
N LYS B 331 31.14 -29.14 -7.95
CA LYS B 331 31.52 -30.52 -7.73
C LYS B 331 30.29 -31.40 -7.53
N LEU B 332 29.30 -30.91 -6.79
CA LEU B 332 28.10 -31.69 -6.54
C LEU B 332 27.17 -31.71 -7.75
N ALA B 333 27.24 -30.68 -8.60
CA ALA B 333 26.40 -30.66 -9.79
C ALA B 333 26.97 -31.51 -10.90
N GLU B 334 28.30 -31.65 -10.96
CA GLU B 334 28.89 -32.51 -11.98
C GLU B 334 28.77 -33.98 -11.62
N ILE B 335 28.60 -34.31 -10.34
CA ILE B 335 28.39 -35.69 -9.94
C ILE B 335 27.01 -36.15 -10.40
N TYR B 336 26.02 -35.26 -10.37
CA TYR B 336 24.66 -35.65 -10.68
C TYR B 336 24.48 -35.91 -12.18
N VAL B 337 25.11 -35.11 -13.04
CA VAL B 337 24.88 -35.25 -14.47
C VAL B 337 25.59 -36.50 -15.03
N ASN B 338 26.61 -36.97 -14.34
CA ASN B 338 27.22 -38.25 -14.71
C ASN B 338 26.59 -39.44 -14.01
N SER B 339 25.65 -39.20 -13.09
CA SER B 339 25.06 -40.29 -12.33
C SER B 339 23.99 -41.00 -13.16
N SER B 340 23.39 -42.03 -12.56
CA SER B 340 22.35 -42.78 -13.25
C SER B 340 20.99 -42.13 -13.14
N PHE B 341 20.80 -41.23 -12.18
CA PHE B 341 19.51 -40.57 -12.02
C PHE B 341 19.29 -39.51 -13.10
N TYR B 342 20.37 -38.98 -13.67
CA TYR B 342 20.24 -38.01 -14.75
C TYR B 342 20.08 -38.69 -16.09
N LYS B 343 20.74 -39.83 -16.29
CA LYS B 343 20.55 -40.59 -17.52
C LYS B 343 19.16 -41.22 -17.57
N GLU B 344 18.60 -41.57 -16.41
CA GLU B 344 17.24 -42.11 -16.37
C GLU B 344 16.22 -41.05 -16.73
N THR B 345 16.42 -39.81 -16.32
CA THR B 345 15.41 -38.79 -16.55
C THR B 345 15.55 -38.15 -17.93
N LYS B 346 16.78 -38.07 -18.46
CA LYS B 346 16.95 -37.46 -19.78
C LYS B 346 16.53 -38.42 -20.88
N ALA B 347 16.68 -39.73 -20.66
CA ALA B 347 16.16 -40.72 -21.60
C ALA B 347 14.69 -41.01 -21.40
N GLU B 348 14.04 -40.36 -20.43
CA GLU B 348 12.60 -40.39 -20.27
C GLU B 348 11.96 -39.09 -20.70
N LEU B 349 12.70 -37.99 -20.63
CA LEU B 349 12.20 -36.70 -21.11
C LEU B 349 12.10 -36.66 -22.62
N HIS B 350 12.97 -37.40 -23.31
CA HIS B 350 12.91 -37.44 -24.77
C HIS B 350 11.79 -38.33 -25.28
N GLN B 351 11.34 -39.31 -24.49
CA GLN B 351 10.16 -40.07 -24.86
C GLN B 351 8.89 -39.24 -24.74
N LEU B 352 8.86 -38.28 -23.81
CA LEU B 352 7.69 -37.43 -23.65
C LEU B 352 7.66 -36.34 -24.72
N SER B 353 8.80 -35.71 -24.97
CA SER B 353 8.88 -34.66 -25.98
C SER B 353 8.83 -35.23 -27.40
N ILE B 367 -9.87 -18.76 -22.84
CA ILE B 367 -9.30 -19.23 -21.59
C ILE B 367 -10.29 -20.19 -20.92
N SER B 368 -11.59 -19.99 -21.20
CA SER B 368 -12.68 -20.87 -20.75
C SER B 368 -12.71 -21.02 -19.24
N TYR B 369 -13.04 -19.95 -18.52
CA TYR B 369 -13.01 -19.92 -17.07
C TYR B 369 -14.06 -20.86 -16.48
N THR B 370 -13.93 -21.10 -15.18
CA THR B 370 -14.79 -22.10 -14.53
C THR B 370 -16.22 -21.59 -14.41
N THR B 371 -16.40 -20.37 -13.91
CA THR B 371 -17.72 -19.76 -13.80
C THR B 371 -17.85 -18.68 -14.85
N SER B 372 -19.09 -18.32 -15.17
CA SER B 372 -19.39 -17.44 -16.28
C SER B 372 -19.04 -15.99 -15.92
N PHE B 373 -19.25 -15.10 -16.89
CA PHE B 373 -18.94 -13.69 -16.69
C PHE B 373 -19.85 -13.06 -15.65
N CYS B 374 -21.13 -13.42 -15.68
CA CYS B 374 -22.10 -12.78 -14.79
C CYS B 374 -21.98 -13.29 -13.37
N HIS B 375 -21.54 -14.53 -13.17
CA HIS B 375 -21.30 -15.03 -11.83
C HIS B 375 -20.07 -14.40 -11.20
N GLN B 376 -19.08 -14.06 -12.03
CA GLN B 376 -17.91 -13.37 -11.50
C GLN B 376 -18.17 -11.89 -11.28
N LEU B 377 -19.04 -11.29 -12.08
CA LEU B 377 -19.39 -9.90 -11.90
C LEU B 377 -20.21 -9.69 -10.64
N ARG B 378 -21.05 -10.66 -10.29
CA ARG B 378 -21.90 -10.58 -9.12
C ARG B 378 -21.20 -11.00 -7.84
N TRP B 379 -19.92 -11.35 -7.92
CA TRP B 379 -19.13 -11.67 -6.74
C TRP B 379 -17.97 -10.73 -6.53
N VAL B 380 -17.43 -10.13 -7.59
CA VAL B 380 -16.44 -9.07 -7.42
C VAL B 380 -17.09 -7.83 -6.84
N SER B 381 -18.31 -7.53 -7.28
CA SER B 381 -19.01 -6.37 -6.74
C SER B 381 -19.61 -6.67 -5.37
N LYS B 382 -19.99 -7.92 -5.13
CA LYS B 382 -20.49 -8.31 -3.81
C LYS B 382 -19.39 -8.22 -2.76
N ARG B 383 -18.16 -8.61 -3.12
CA ARG B 383 -17.04 -8.44 -2.20
C ARG B 383 -16.61 -6.99 -2.10
N SER B 384 -16.85 -6.19 -3.14
CA SER B 384 -16.46 -4.79 -3.12
C SER B 384 -17.41 -3.96 -2.29
N PHE B 385 -18.68 -4.34 -2.24
CA PHE B 385 -19.64 -3.61 -1.43
C PHE B 385 -19.48 -3.93 0.05
N LYS B 386 -19.07 -5.15 0.37
CA LYS B 386 -18.79 -5.51 1.76
C LYS B 386 -17.57 -4.80 2.31
N ASN B 387 -16.62 -4.42 1.45
CA ASN B 387 -15.50 -3.60 1.91
C ASN B 387 -15.92 -2.17 2.15
N LEU B 388 -16.93 -1.68 1.43
CA LEU B 388 -17.44 -0.34 1.63
C LEU B 388 -18.40 -0.24 2.79
N LEU B 389 -19.13 -1.31 3.11
CA LEU B 389 -19.96 -1.33 4.30
C LEU B 389 -19.17 -1.65 5.56
N GLY B 390 -17.94 -2.07 5.42
CA GLY B 390 -17.10 -2.35 6.56
C GLY B 390 -16.16 -1.21 6.84
N ASN B 391 -15.73 -0.52 5.78
CA ASN B 391 -14.85 0.64 5.89
C ASN B 391 -15.50 1.84 5.20
N PRO B 392 -16.61 2.38 5.75
CA PRO B 392 -17.34 3.46 5.08
C PRO B 392 -16.81 4.85 5.44
N GLN B 393 -15.49 5.02 5.40
CA GLN B 393 -14.92 6.31 5.77
C GLN B 393 -15.03 7.29 4.61
N ALA B 394 -14.59 6.88 3.42
CA ALA B 394 -14.54 7.78 2.27
C ALA B 394 -15.91 8.03 1.66
N SER B 395 -16.90 7.18 1.96
CA SER B 395 -18.25 7.37 1.44
C SER B 395 -19.11 8.21 2.38
N ILE B 396 -18.88 8.11 3.69
CA ILE B 396 -19.55 9.00 4.63
C ILE B 396 -18.98 10.41 4.51
N ALA B 397 -17.66 10.51 4.38
CA ALA B 397 -17.02 11.81 4.21
C ALA B 397 -17.34 12.43 2.86
N GLN B 398 -17.63 11.64 1.84
CA GLN B 398 -18.10 12.16 0.56
C GLN B 398 -19.47 12.82 0.70
N ILE B 399 -20.41 12.13 1.37
CA ILE B 399 -21.76 12.63 1.53
C ILE B 399 -21.81 13.84 2.47
N ILE B 400 -20.91 13.88 3.45
CA ILE B 400 -20.93 14.96 4.43
C ILE B 400 -20.44 16.27 3.81
N VAL B 401 -19.32 16.22 3.08
CA VAL B 401 -18.80 17.45 2.49
C VAL B 401 -19.46 17.80 1.17
N THR B 402 -20.40 17.00 0.70
CA THR B 402 -21.24 17.39 -0.42
C THR B 402 -22.48 18.14 0.06
N VAL B 403 -22.95 17.79 1.26
CA VAL B 403 -24.07 18.51 1.87
C VAL B 403 -23.65 19.91 2.29
N VAL B 404 -22.52 20.04 2.98
CA VAL B 404 -22.14 21.34 3.52
C VAL B 404 -21.55 22.23 2.42
N LEU B 405 -21.19 21.64 1.28
CA LEU B 405 -20.83 22.45 0.12
C LEU B 405 -22.05 22.89 -0.66
N GLY B 406 -23.04 22.01 -0.80
CA GLY B 406 -24.27 22.41 -1.44
C GLY B 406 -25.07 23.39 -0.61
N LEU B 407 -24.94 23.33 0.71
CA LEU B 407 -25.60 24.31 1.57
C LEU B 407 -24.91 25.66 1.54
N VAL B 408 -23.59 25.69 1.29
CA VAL B 408 -22.87 26.95 1.26
C VAL B 408 -23.07 27.65 -0.09
N ILE B 409 -22.98 26.87 -1.18
CA ILE B 409 -23.27 27.36 -2.53
C ILE B 409 -24.71 27.84 -2.63
N GLY B 410 -25.63 27.17 -1.93
CA GLY B 410 -27.00 27.62 -1.91
C GLY B 410 -27.23 28.84 -1.02
N ALA B 411 -26.36 29.08 -0.05
CA ALA B 411 -26.52 30.21 0.84
C ALA B 411 -25.86 31.47 0.33
N ILE B 412 -24.84 31.33 -0.52
CA ILE B 412 -24.22 32.50 -1.13
C ILE B 412 -25.10 33.06 -2.23
N TYR B 413 -25.57 32.19 -3.13
CA TYR B 413 -26.44 32.60 -4.22
C TYR B 413 -27.91 32.46 -3.87
N PHE B 414 -28.26 32.62 -2.59
CA PHE B 414 -29.64 32.47 -2.13
C PHE B 414 -30.53 33.55 -2.73
N GLY B 415 -31.65 33.13 -3.30
CA GLY B 415 -32.57 34.05 -3.92
C GLY B 415 -32.02 34.66 -5.18
N LEU B 416 -31.87 33.84 -6.21
CA LEU B 416 -31.39 34.32 -7.50
C LEU B 416 -32.47 35.16 -8.17
N LYS B 417 -32.16 36.42 -8.42
CA LYS B 417 -33.12 37.36 -8.98
C LYS B 417 -32.86 37.53 -10.47
N ASN B 418 -33.88 38.06 -11.16
CA ASN B 418 -33.78 38.39 -12.58
C ASN B 418 -33.43 39.86 -12.67
N ASP B 419 -32.13 40.16 -12.63
CA ASP B 419 -31.65 41.53 -12.64
C ASP B 419 -30.52 41.64 -13.65
N SER B 420 -29.89 42.81 -13.68
CA SER B 420 -28.69 43.01 -14.50
C SER B 420 -27.53 42.17 -13.99
N THR B 421 -27.41 42.00 -12.67
CA THR B 421 -26.49 41.04 -12.09
C THR B 421 -27.38 39.94 -11.50
N GLY B 422 -27.84 39.05 -12.36
CA GLY B 422 -28.52 37.83 -11.98
C GLY B 422 -28.05 36.73 -12.90
N ILE B 423 -27.24 37.12 -13.88
CA ILE B 423 -26.65 36.18 -14.83
C ILE B 423 -25.27 35.73 -14.38
N GLN B 424 -24.44 36.65 -13.90
CA GLN B 424 -23.14 36.24 -13.38
C GLN B 424 -23.26 35.58 -12.02
N ASN B 425 -24.40 35.75 -11.34
CA ASN B 425 -24.71 34.89 -10.21
C ASN B 425 -25.12 33.51 -10.69
N ARG B 426 -25.93 33.44 -11.75
CA ARG B 426 -26.38 32.17 -12.28
C ARG B 426 -25.28 31.45 -13.04
N ALA B 427 -24.53 32.16 -13.88
CA ALA B 427 -23.44 31.51 -14.59
C ALA B 427 -22.19 31.36 -13.74
N GLY B 428 -22.23 31.78 -12.49
CA GLY B 428 -21.13 31.54 -11.57
C GLY B 428 -21.48 30.46 -10.59
N VAL B 429 -22.77 30.18 -10.41
CA VAL B 429 -23.14 29.08 -9.54
C VAL B 429 -23.09 27.76 -10.30
N LEU B 430 -23.39 27.76 -11.60
CA LEU B 430 -23.31 26.54 -12.39
C LEU B 430 -21.88 26.20 -12.77
N PHE B 431 -20.94 27.10 -12.51
CA PHE B 431 -19.53 26.78 -12.69
C PHE B 431 -18.99 26.02 -11.51
N PHE B 432 -19.38 26.41 -10.30
CA PHE B 432 -18.94 25.72 -9.09
C PHE B 432 -19.63 24.39 -8.89
N LEU B 433 -20.79 24.18 -9.50
CA LEU B 433 -21.40 22.86 -9.51
C LEU B 433 -20.64 21.91 -10.42
N THR B 434 -20.12 22.42 -11.53
CA THR B 434 -19.38 21.60 -12.49
C THR B 434 -17.97 21.31 -12.00
N THR B 435 -17.29 22.33 -11.50
CA THR B 435 -15.97 22.23 -10.89
C THR B 435 -15.94 21.27 -9.71
N ASN B 436 -17.03 21.17 -8.95
CA ASN B 436 -17.08 20.23 -7.84
C ASN B 436 -17.13 18.80 -8.33
N GLN B 437 -17.93 18.53 -9.36
CA GLN B 437 -18.11 17.16 -9.82
C GLN B 437 -16.88 16.64 -10.54
N CYS B 438 -16.06 17.53 -11.10
CA CYS B 438 -14.83 17.12 -11.74
C CYS B 438 -13.74 16.85 -10.70
N PHE B 439 -13.57 17.77 -9.76
CA PHE B 439 -12.50 17.62 -8.78
C PHE B 439 -12.81 16.60 -7.71
N SER B 440 -14.08 16.26 -7.50
CA SER B 440 -14.41 15.17 -6.58
C SER B 440 -14.00 13.82 -7.14
N SER B 441 -13.80 13.73 -8.45
CA SER B 441 -13.50 12.48 -9.12
C SER B 441 -12.02 12.13 -9.09
N VAL B 442 -11.19 12.95 -8.48
CA VAL B 442 -9.78 12.62 -8.29
C VAL B 442 -9.64 11.46 -7.30
N SER B 443 -10.60 11.27 -6.40
CA SER B 443 -10.59 10.15 -5.47
C SER B 443 -10.89 8.81 -6.13
N ALA B 444 -11.25 8.78 -7.41
CA ALA B 444 -11.43 7.54 -8.15
C ALA B 444 -10.11 6.95 -8.63
N VAL B 445 -8.99 7.63 -8.36
CA VAL B 445 -7.68 7.20 -8.82
C VAL B 445 -7.24 5.92 -8.11
N GLU B 446 -7.47 5.81 -6.81
CA GLU B 446 -7.05 4.66 -6.03
C GLU B 446 -8.03 3.49 -6.07
N LEU B 447 -8.96 3.44 -7.03
CA LEU B 447 -9.88 2.31 -7.12
C LEU B 447 -9.14 1.03 -7.52
N PHE B 448 -8.24 1.13 -8.49
CA PHE B 448 -7.49 0.00 -9.00
C PHE B 448 -6.04 -0.01 -8.52
N VAL B 449 -5.67 0.87 -7.62
CA VAL B 449 -4.30 0.99 -7.15
C VAL B 449 -4.10 0.30 -5.81
N VAL B 450 -5.03 0.49 -4.86
CA VAL B 450 -4.85 -0.07 -3.53
C VAL B 450 -5.04 -1.58 -3.52
N GLU B 451 -5.71 -2.13 -4.52
CA GLU B 451 -5.87 -3.57 -4.65
C GLU B 451 -5.20 -4.10 -5.91
N LYS B 452 -4.03 -3.56 -6.24
CA LYS B 452 -3.33 -4.02 -7.42
C LYS B 452 -2.65 -5.36 -7.17
N LYS B 453 -2.16 -5.57 -5.96
CA LYS B 453 -1.50 -6.84 -5.62
C LYS B 453 -2.53 -7.97 -5.54
N LEU B 454 -3.73 -7.68 -5.07
CA LEU B 454 -4.78 -8.69 -5.01
C LEU B 454 -5.41 -8.95 -6.37
N PHE B 455 -5.45 -7.96 -7.25
CA PHE B 455 -5.96 -8.21 -8.60
C PHE B 455 -4.98 -9.07 -9.40
N ILE B 456 -3.68 -8.77 -9.28
CA ILE B 456 -2.67 -9.49 -10.05
C ILE B 456 -2.56 -10.93 -9.58
N HIS B 457 -2.68 -11.16 -8.26
CA HIS B 457 -2.64 -12.51 -7.71
C HIS B 457 -3.85 -13.33 -8.13
N GLU B 458 -5.04 -12.75 -8.01
CA GLU B 458 -6.28 -13.46 -8.31
C GLU B 458 -6.58 -13.56 -9.78
N TYR B 459 -5.93 -12.78 -10.64
CA TYR B 459 -6.14 -12.98 -12.06
C TYR B 459 -5.36 -14.19 -12.57
N ILE B 460 -4.08 -14.28 -12.20
CA ILE B 460 -3.23 -15.38 -12.63
C ILE B 460 -3.58 -16.67 -11.91
N SER B 461 -4.37 -16.62 -10.85
CA SER B 461 -4.93 -17.79 -10.20
C SER B 461 -6.22 -18.26 -10.84
N GLY B 462 -6.77 -17.51 -11.78
CA GLY B 462 -7.94 -17.95 -12.51
C GLY B 462 -9.26 -17.69 -11.83
N TYR B 463 -9.37 -16.61 -11.05
CA TYR B 463 -10.63 -16.31 -10.38
C TYR B 463 -11.65 -15.73 -11.34
N TYR B 464 -11.25 -14.70 -12.09
CA TYR B 464 -12.17 -13.94 -12.91
C TYR B 464 -11.48 -13.50 -14.18
N ARG B 465 -12.28 -12.94 -15.11
CA ARG B 465 -11.72 -12.22 -16.23
C ARG B 465 -11.29 -10.83 -15.78
N VAL B 466 -10.58 -10.12 -16.66
CA VAL B 466 -10.33 -8.72 -16.38
C VAL B 466 -11.62 -7.94 -16.48
N SER B 467 -12.49 -8.29 -17.43
CA SER B 467 -13.73 -7.56 -17.64
C SER B 467 -14.73 -7.76 -16.52
N SER B 468 -14.70 -8.91 -15.86
CA SER B 468 -15.51 -9.16 -14.67
C SER B 468 -15.06 -8.33 -13.49
N TYR B 469 -13.76 -8.29 -13.23
CA TYR B 469 -13.23 -7.46 -12.17
C TYR B 469 -13.40 -5.97 -12.49
N PHE B 470 -13.23 -5.59 -13.76
CA PHE B 470 -13.32 -4.18 -14.13
C PHE B 470 -14.73 -3.64 -13.96
N LEU B 471 -15.73 -4.39 -14.45
CA LEU B 471 -17.10 -3.95 -14.32
C LEU B 471 -17.63 -4.11 -12.89
N GLY B 472 -17.18 -5.13 -12.15
CA GLY B 472 -17.59 -5.27 -10.78
C GLY B 472 -17.02 -4.25 -9.84
N LYS B 473 -15.81 -3.76 -10.11
CA LYS B 473 -15.22 -2.70 -9.30
C LYS B 473 -15.63 -1.32 -9.74
N LEU B 474 -16.21 -1.18 -10.94
CA LEU B 474 -16.83 0.07 -11.34
C LEU B 474 -18.04 0.37 -10.46
N LEU B 475 -18.85 -0.66 -10.18
CA LEU B 475 -20.10 -0.48 -9.45
C LEU B 475 -19.90 -0.15 -7.98
N SER B 476 -18.70 -0.34 -7.44
CA SER B 476 -18.37 0.16 -6.11
C SER B 476 -17.86 1.59 -6.13
N ASP B 477 -17.57 2.12 -7.31
CA ASP B 477 -17.17 3.51 -7.49
C ASP B 477 -18.21 4.32 -8.22
N LEU B 478 -19.06 3.67 -9.02
CA LEU B 478 -20.10 4.37 -9.74
C LEU B 478 -21.25 4.73 -8.80
N LEU B 479 -21.82 3.73 -8.13
CA LEU B 479 -23.00 3.98 -7.30
C LEU B 479 -22.72 4.80 -6.04
N PRO B 480 -21.86 4.36 -5.11
CA PRO B 480 -21.84 5.05 -3.80
C PRO B 480 -21.08 6.35 -3.79
N MET B 481 -20.27 6.63 -4.80
CA MET B 481 -19.39 7.79 -4.80
C MET B 481 -19.69 8.79 -5.90
N ARG B 482 -20.40 8.40 -6.96
CA ARG B 482 -20.65 9.32 -8.06
C ARG B 482 -22.12 9.49 -8.41
N MET B 483 -22.93 8.44 -8.32
CA MET B 483 -24.34 8.60 -8.62
C MET B 483 -25.08 9.25 -7.46
N LEU B 484 -24.95 8.68 -6.27
CA LEU B 484 -25.63 9.15 -5.07
C LEU B 484 -25.18 10.54 -4.60
N PRO B 485 -23.91 10.93 -4.62
CA PRO B 485 -23.57 12.33 -4.30
C PRO B 485 -23.87 13.33 -5.39
N SER B 486 -24.34 12.90 -6.56
CA SER B 486 -24.83 13.83 -7.57
C SER B 486 -26.34 13.98 -7.52
N ILE B 487 -27.02 13.10 -6.80
CA ILE B 487 -28.43 13.27 -6.54
C ILE B 487 -28.65 14.28 -5.43
N ILE B 488 -27.98 14.10 -4.29
CA ILE B 488 -28.25 14.94 -3.13
C ILE B 488 -27.58 16.30 -3.29
N PHE B 489 -26.64 16.43 -4.22
CA PHE B 489 -26.06 17.73 -4.50
C PHE B 489 -26.97 18.54 -5.41
N THR B 490 -27.67 17.88 -6.33
CA THR B 490 -28.61 18.55 -7.20
C THR B 490 -29.86 18.95 -6.43
N CYS B 491 -30.33 18.09 -5.52
CA CYS B 491 -31.55 18.39 -4.76
C CYS B 491 -31.35 19.55 -3.80
N ILE B 492 -30.19 19.63 -3.17
CA ILE B 492 -29.96 20.62 -2.12
C ILE B 492 -29.89 22.02 -2.70
N VAL B 493 -29.22 22.18 -3.84
CA VAL B 493 -29.09 23.50 -4.48
C VAL B 493 -30.25 23.76 -5.41
N TYR B 494 -31.31 22.95 -5.33
CA TYR B 494 -32.51 23.24 -6.10
C TYR B 494 -33.64 23.79 -5.24
N PHE B 495 -33.84 23.31 -4.01
CA PHE B 495 -34.90 23.87 -3.19
C PHE B 495 -34.44 25.11 -2.42
N MET B 496 -33.21 25.55 -2.61
CA MET B 496 -32.76 26.75 -1.92
C MET B 496 -32.17 27.82 -2.83
N LEU B 497 -31.95 27.54 -4.11
CA LEU B 497 -31.43 28.55 -5.02
C LEU B 497 -32.51 29.28 -5.79
N GLY B 498 -33.46 28.54 -6.37
CA GLY B 498 -34.42 29.17 -7.25
C GLY B 498 -33.92 29.19 -8.67
N LEU B 499 -33.54 28.01 -9.17
CA LEU B 499 -33.15 27.81 -10.56
C LEU B 499 -34.40 27.63 -11.42
N LYS B 500 -34.22 27.13 -12.65
CA LYS B 500 -35.32 26.81 -13.56
C LYS B 500 -36.30 25.85 -12.90
N PRO B 501 -37.51 26.32 -12.59
CA PRO B 501 -38.38 25.61 -11.64
C PRO B 501 -39.21 24.48 -12.23
N LYS B 502 -38.97 24.05 -13.46
CA LYS B 502 -39.76 22.98 -14.03
C LYS B 502 -39.29 21.62 -13.50
N ALA B 503 -40.00 20.58 -13.90
CA ALA B 503 -39.67 19.24 -13.43
C ALA B 503 -38.61 18.59 -14.30
N ASP B 504 -38.66 18.81 -15.61
CA ASP B 504 -37.71 18.18 -16.51
C ASP B 504 -36.33 18.81 -16.40
N ALA B 505 -36.26 20.12 -16.15
CA ALA B 505 -34.97 20.78 -16.03
C ALA B 505 -34.26 20.44 -14.73
N PHE B 506 -34.98 19.92 -13.74
CA PHE B 506 -34.34 19.42 -12.53
C PHE B 506 -33.59 18.13 -12.82
N PHE B 507 -34.18 17.25 -13.63
CA PHE B 507 -33.56 15.96 -13.92
C PHE B 507 -32.51 16.07 -15.02
N VAL B 508 -32.63 17.05 -15.91
CA VAL B 508 -31.55 17.34 -16.84
C VAL B 508 -30.33 17.87 -16.09
N MET B 509 -30.56 18.67 -15.06
CA MET B 509 -29.47 19.17 -14.23
C MET B 509 -28.85 18.05 -13.40
N MET B 510 -29.66 17.09 -12.95
CA MET B 510 -29.16 15.95 -12.21
C MET B 510 -28.37 15.02 -13.11
N PHE B 511 -28.88 14.78 -14.33
CA PHE B 511 -28.19 13.94 -15.30
C PHE B 511 -26.91 14.57 -15.79
N THR B 512 -26.85 15.90 -15.90
CA THR B 512 -25.64 16.58 -16.34
C THR B 512 -24.55 16.50 -15.28
N LEU B 513 -24.92 16.64 -14.01
CA LEU B 513 -23.93 16.54 -12.94
C LEU B 513 -23.45 15.12 -12.74
N MET B 514 -24.25 14.12 -13.12
CA MET B 514 -23.78 12.73 -13.06
C MET B 514 -22.78 12.45 -14.16
N MET B 515 -23.01 13.00 -15.36
CA MET B 515 -22.17 12.68 -16.50
C MET B 515 -20.81 13.36 -16.42
N VAL B 516 -20.73 14.52 -15.77
CA VAL B 516 -19.41 15.08 -15.52
C VAL B 516 -18.73 14.41 -14.35
N ALA B 517 -19.48 13.72 -13.49
CA ALA B 517 -18.87 12.94 -12.45
C ALA B 517 -18.39 11.59 -12.96
N TYR B 518 -19.07 11.05 -13.99
CA TYR B 518 -18.66 9.78 -14.57
C TYR B 518 -17.50 9.95 -15.55
N SER B 519 -17.52 11.02 -16.34
CA SER B 519 -16.47 11.25 -17.31
C SER B 519 -15.17 11.64 -16.65
N ALA B 520 -15.24 12.33 -15.52
CA ALA B 520 -14.04 12.71 -14.79
C ALA B 520 -13.51 11.58 -13.95
N SER B 521 -14.37 10.65 -13.52
CA SER B 521 -13.90 9.47 -12.82
C SER B 521 -13.33 8.44 -13.77
N SER B 522 -13.90 8.32 -14.97
CA SER B 522 -13.35 7.44 -15.99
C SER B 522 -11.97 7.91 -16.44
N MET B 523 -11.74 9.22 -16.44
CA MET B 523 -10.41 9.75 -16.67
C MET B 523 -9.48 9.50 -15.49
N ALA B 524 -10.03 9.41 -14.28
CA ALA B 524 -9.19 9.06 -13.15
C ALA B 524 -8.76 7.61 -13.21
N LEU B 525 -9.60 6.75 -13.76
CA LEU B 525 -9.25 5.35 -13.94
C LEU B 525 -8.31 5.15 -15.10
N ALA B 526 -8.42 5.95 -16.16
CA ALA B 526 -7.58 5.79 -17.33
C ALA B 526 -6.14 6.18 -17.04
N ILE B 527 -5.92 7.14 -16.15
CA ILE B 527 -4.55 7.51 -15.79
C ILE B 527 -3.98 6.53 -14.76
N ALA B 528 -4.82 5.96 -13.91
CA ALA B 528 -4.35 5.24 -12.73
C ALA B 528 -4.50 3.73 -12.78
N ALA B 529 -5.04 3.15 -13.85
CA ALA B 529 -5.18 1.70 -13.92
C ALA B 529 -3.82 1.04 -14.10
N GLY B 530 -3.56 -0.02 -13.34
CA GLY B 530 -2.29 -0.71 -13.46
C GLY B 530 -1.11 0.04 -12.88
N GLN B 531 -1.35 0.88 -11.88
CA GLN B 531 -0.31 1.70 -11.29
C GLN B 531 -0.20 1.38 -9.80
N SER B 532 1.03 1.43 -9.28
CA SER B 532 1.28 0.95 -7.93
C SER B 532 1.09 2.04 -6.90
N VAL B 533 1.39 3.29 -7.26
CA VAL B 533 1.18 4.44 -6.40
C VAL B 533 0.17 5.37 -7.05
N VAL B 534 -0.46 6.20 -6.22
CA VAL B 534 -1.39 7.21 -6.69
C VAL B 534 -0.72 8.57 -6.83
N SER B 535 0.60 8.64 -6.74
CA SER B 535 1.27 9.93 -6.65
C SER B 535 1.39 10.60 -8.01
N VAL B 536 1.71 9.83 -9.05
CA VAL B 536 1.75 10.38 -10.40
C VAL B 536 0.34 10.65 -10.90
N ALA B 537 -0.59 9.77 -10.59
CA ALA B 537 -1.92 9.83 -11.18
C ALA B 537 -2.79 10.91 -10.57
N THR B 538 -2.65 11.18 -9.26
CA THR B 538 -3.35 12.30 -8.65
C THR B 538 -2.82 13.63 -9.20
N LEU B 539 -1.53 13.66 -9.52
CA LEU B 539 -0.90 14.88 -10.00
C LEU B 539 -1.32 15.21 -11.42
N LEU B 540 -1.33 14.20 -12.30
CA LEU B 540 -1.86 14.41 -13.64
C LEU B 540 -3.38 14.56 -13.66
N MET B 541 -4.07 14.19 -12.58
CA MET B 541 -5.51 14.37 -12.53
C MET B 541 -5.90 15.81 -12.27
N THR B 542 -5.23 16.44 -11.31
CA THR B 542 -5.61 17.78 -10.91
C THR B 542 -5.07 18.85 -11.84
N ILE B 543 -3.90 18.62 -12.45
CA ILE B 543 -3.37 19.61 -13.38
C ILE B 543 -4.04 19.49 -14.74
N CYS B 544 -4.58 18.31 -15.10
CA CYS B 544 -5.42 18.23 -16.29
C CYS B 544 -6.76 18.89 -16.09
N PHE B 545 -7.21 19.05 -14.84
CA PHE B 545 -8.50 19.70 -14.60
C PHE B 545 -8.36 21.21 -14.49
N VAL B 546 -7.20 21.69 -14.02
CA VAL B 546 -6.90 23.10 -14.16
C VAL B 546 -6.75 23.47 -15.62
N PHE B 547 -6.17 22.56 -16.41
CA PHE B 547 -6.06 22.76 -17.86
C PHE B 547 -7.42 22.77 -18.54
N MET B 548 -8.34 21.94 -18.09
CA MET B 548 -9.68 21.89 -18.67
C MET B 548 -10.58 23.00 -18.18
N MET B 549 -10.14 23.74 -17.16
CA MET B 549 -10.92 24.82 -16.59
C MET B 549 -10.57 26.15 -17.21
N ILE B 550 -9.42 26.24 -17.88
CA ILE B 550 -9.09 27.40 -18.69
C ILE B 550 -10.00 27.47 -19.91
N PHE B 551 -10.34 26.31 -20.45
CA PHE B 551 -11.15 26.20 -21.66
C PHE B 551 -12.61 25.94 -21.37
N SER B 552 -13.07 26.15 -20.13
CA SER B 552 -14.46 25.89 -19.79
C SER B 552 -15.39 26.95 -20.33
N GLY B 553 -14.86 28.12 -20.69
CA GLY B 553 -15.65 29.16 -21.28
C GLY B 553 -16.23 30.17 -20.33
N LEU B 554 -15.61 30.39 -19.18
CA LEU B 554 -16.12 31.35 -18.21
C LEU B 554 -15.21 32.56 -18.05
N LEU B 555 -13.94 32.34 -17.71
CA LEU B 555 -13.03 33.46 -17.49
C LEU B 555 -12.57 34.07 -18.81
N VAL B 556 -12.04 33.25 -19.71
CA VAL B 556 -11.56 33.68 -21.00
C VAL B 556 -12.51 33.16 -22.08
N ASN B 557 -12.90 34.04 -23.00
CA ASN B 557 -13.93 33.74 -23.98
C ASN B 557 -13.38 32.79 -25.04
N LEU B 558 -14.15 31.75 -25.36
CA LEU B 558 -13.67 30.71 -26.26
C LEU B 558 -13.63 31.19 -27.71
N THR B 559 -14.41 32.21 -28.06
CA THR B 559 -14.40 32.72 -29.42
C THR B 559 -13.19 33.58 -29.70
N THR B 560 -12.63 34.23 -28.67
CA THR B 560 -11.44 35.04 -28.84
C THR B 560 -10.15 34.23 -28.75
N ILE B 561 -10.24 32.93 -28.48
CA ILE B 561 -9.07 32.07 -28.51
C ILE B 561 -8.64 31.87 -29.96
N ALA B 562 -7.33 31.92 -30.20
CA ALA B 562 -6.79 31.70 -31.54
C ALA B 562 -7.08 30.28 -32.01
N SER B 563 -7.09 30.11 -33.33
CA SER B 563 -7.59 28.88 -33.94
C SER B 563 -6.69 27.67 -33.68
N TRP B 564 -5.42 27.89 -33.39
CA TRP B 564 -4.49 26.80 -33.10
C TRP B 564 -4.56 26.35 -31.65
N LEU B 565 -5.33 27.05 -30.81
CA LEU B 565 -5.54 26.65 -29.43
C LEU B 565 -7.00 26.37 -29.09
N SER B 566 -7.94 26.79 -29.93
CA SER B 566 -9.36 26.66 -29.62
C SER B 566 -9.88 25.24 -29.83
N TRP B 567 -9.07 24.35 -30.37
CA TRP B 567 -9.46 22.94 -30.49
C TRP B 567 -9.35 22.20 -29.17
N LEU B 568 -8.62 22.74 -28.20
CA LEU B 568 -8.47 22.15 -26.89
C LEU B 568 -9.70 22.30 -26.03
N GLN B 569 -10.67 23.11 -26.45
CA GLN B 569 -11.92 23.23 -25.73
C GLN B 569 -12.82 22.01 -25.92
N TYR B 570 -12.53 21.16 -26.90
CA TYR B 570 -13.31 19.96 -27.10
C TYR B 570 -12.87 18.82 -26.22
N PHE B 571 -11.71 18.94 -25.58
CA PHE B 571 -11.22 17.96 -24.64
C PHE B 571 -11.65 18.26 -23.22
N SER B 572 -12.34 19.38 -23.00
CA SER B 572 -12.59 19.88 -21.66
C SER B 572 -13.88 19.30 -21.11
N ILE B 573 -13.77 18.44 -20.09
CA ILE B 573 -14.97 17.95 -19.39
C ILE B 573 -15.77 19.07 -18.73
N PRO B 574 -15.19 20.06 -18.03
CA PRO B 574 -16.04 21.15 -17.52
C PRO B 574 -16.66 22.03 -18.59
N ARG B 575 -16.13 22.09 -19.80
CA ARG B 575 -16.76 22.89 -20.83
C ARG B 575 -18.06 22.25 -21.32
N TYR B 576 -18.13 20.92 -21.30
CA TYR B 576 -19.35 20.25 -21.71
C TYR B 576 -20.41 20.28 -20.63
N GLY B 577 -20.02 20.19 -19.37
CA GLY B 577 -20.99 20.25 -18.28
C GLY B 577 -21.56 21.63 -18.07
N PHE B 578 -20.69 22.64 -18.08
CA PHE B 578 -21.10 24.02 -17.86
C PHE B 578 -21.92 24.56 -19.03
N THR B 579 -21.72 24.04 -20.24
CA THR B 579 -22.54 24.46 -21.37
C THR B 579 -23.92 23.84 -21.31
N ALA B 580 -24.01 22.58 -20.88
CA ALA B 580 -25.29 21.93 -20.72
C ALA B 580 -26.04 22.46 -19.51
N LEU B 581 -25.32 22.92 -18.49
CA LEU B 581 -25.98 23.57 -17.37
C LEU B 581 -26.41 24.99 -17.71
N GLN B 582 -25.70 25.66 -18.61
CA GLN B 582 -26.10 27.00 -19.04
C GLN B 582 -27.28 26.95 -19.99
N HIS B 583 -27.28 25.97 -20.89
CA HIS B 583 -28.40 25.82 -21.82
C HIS B 583 -29.67 25.42 -21.10
N ASN B 584 -29.55 24.60 -20.05
CA ASN B 584 -30.73 24.17 -19.32
C ASN B 584 -31.29 25.29 -18.46
N GLU B 585 -30.43 26.15 -17.94
CA GLU B 585 -30.84 27.16 -16.97
C GLU B 585 -31.36 28.43 -17.65
N PHE B 586 -30.62 28.96 -18.63
CA PHE B 586 -30.94 30.28 -19.15
C PHE B 586 -31.97 30.29 -20.25
N LEU B 587 -32.30 29.15 -20.84
CA LEU B 587 -33.20 29.08 -21.98
C LEU B 587 -34.63 29.27 -21.48
N GLY B 588 -35.25 30.37 -21.88
CA GLY B 588 -36.57 30.73 -21.40
C GLY B 588 -36.58 31.73 -20.26
N GLN B 589 -35.42 32.21 -19.84
CA GLN B 589 -35.35 33.22 -18.80
C GLN B 589 -35.34 34.61 -19.42
N ASN B 590 -35.66 35.60 -18.59
CA ASN B 590 -35.68 36.99 -19.00
C ASN B 590 -35.25 37.82 -17.79
N PHE B 591 -34.40 38.82 -18.02
CA PHE B 591 -33.71 39.47 -16.91
C PHE B 591 -33.94 40.98 -16.86
N CYS B 592 -34.11 41.59 -18.02
CA CYS B 592 -34.38 43.03 -18.17
C CYS B 592 -35.71 43.57 -17.61
N PRO B 593 -36.77 42.77 -17.39
CA PRO B 593 -37.90 43.24 -16.58
C PRO B 593 -37.52 43.92 -15.26
N GLY B 594 -38.36 44.88 -14.88
CA GLY B 594 -37.97 45.97 -14.02
C GLY B 594 -37.66 47.25 -14.77
N LEU B 595 -38.35 47.49 -15.89
CA LEU B 595 -37.94 48.52 -16.84
C LEU B 595 -38.75 49.80 -16.68
N ASN B 596 -38.24 50.86 -17.32
CA ASN B 596 -38.82 52.20 -17.28
C ASN B 596 -39.64 52.47 -18.54
N ALA B 597 -39.99 53.74 -18.76
CA ALA B 597 -40.42 54.20 -20.07
C ALA B 597 -39.27 54.11 -21.06
N THR B 598 -38.06 54.42 -20.59
CA THR B 598 -36.82 54.14 -21.29
C THR B 598 -36.54 52.64 -21.17
N GLY B 599 -35.59 52.14 -21.98
CA GLY B 599 -35.34 50.71 -22.10
C GLY B 599 -34.98 49.95 -20.82
N ASN B 600 -33.79 50.12 -20.28
CA ASN B 600 -33.49 49.52 -18.98
C ASN B 600 -32.79 50.45 -18.01
N ASN B 601 -31.85 51.27 -18.50
CA ASN B 601 -30.88 52.18 -17.88
C ASN B 601 -29.86 51.62 -16.89
N PRO B 602 -29.27 50.41 -17.10
CA PRO B 602 -27.80 50.29 -16.97
C PRO B 602 -27.17 50.33 -18.35
N CYS B 603 -25.83 50.30 -18.48
CA CYS B 603 -25.23 50.04 -19.80
C CYS B 603 -23.94 49.21 -19.70
N ASN B 604 -24.01 48.00 -20.26
CA ASN B 604 -22.99 47.56 -21.20
C ASN B 604 -23.62 47.99 -22.52
N TYR B 605 -24.76 47.38 -22.86
CA TYR B 605 -26.00 48.16 -22.94
C TYR B 605 -27.01 47.46 -22.03
N ALA B 606 -27.19 46.15 -22.25
CA ALA B 606 -28.08 45.27 -21.51
C ALA B 606 -27.86 43.85 -22.02
N THR B 607 -28.34 42.87 -21.25
CA THR B 607 -28.44 41.48 -21.69
C THR B 607 -29.74 40.91 -21.11
N CYS B 608 -30.82 41.07 -21.88
CA CYS B 608 -32.17 40.87 -21.34
C CYS B 608 -32.57 39.41 -21.31
N THR B 609 -32.66 38.78 -22.46
CA THR B 609 -33.10 37.40 -22.50
C THR B 609 -31.94 36.47 -22.22
N GLY B 610 -32.27 35.26 -21.74
CA GLY B 610 -31.25 34.25 -21.57
C GLY B 610 -30.74 33.66 -22.87
N GLU B 611 -31.50 33.82 -23.96
CA GLU B 611 -31.05 33.34 -25.26
C GLU B 611 -29.91 34.18 -25.81
N GLU B 612 -29.96 35.51 -25.64
CA GLU B 612 -28.89 36.34 -26.15
C GLU B 612 -27.64 36.26 -25.27
N TYR B 613 -27.77 35.80 -24.03
CA TYR B 613 -26.58 35.42 -23.27
C TYR B 613 -25.96 34.16 -23.83
N LEU B 614 -26.77 33.21 -24.28
CA LEU B 614 -26.27 31.97 -24.85
C LEU B 614 -25.69 32.18 -26.25
N VAL B 615 -26.17 33.19 -26.97
CA VAL B 615 -25.59 33.54 -28.25
C VAL B 615 -24.21 34.16 -28.06
N LYS B 616 -24.05 34.95 -27.00
CA LYS B 616 -22.76 35.58 -26.70
C LYS B 616 -21.72 34.56 -26.29
N GLN B 617 -22.12 33.51 -25.57
CA GLN B 617 -21.20 32.44 -25.21
C GLN B 617 -20.87 31.54 -26.40
N GLY B 618 -21.73 31.50 -27.41
CA GLY B 618 -21.51 30.63 -28.55
C GLY B 618 -22.20 29.30 -28.39
N ILE B 619 -23.28 29.27 -27.62
CA ILE B 619 -24.02 28.06 -27.33
C ILE B 619 -25.21 27.99 -28.27
N ASP B 620 -25.42 26.81 -28.86
CA ASP B 620 -26.56 26.58 -29.73
C ASP B 620 -27.86 26.68 -28.94
N LEU B 621 -28.90 27.20 -29.58
CA LEU B 621 -30.21 27.34 -28.96
C LEU B 621 -31.15 26.20 -29.32
N SER B 622 -30.75 25.31 -30.21
CA SER B 622 -31.53 24.15 -30.57
C SER B 622 -31.56 23.16 -29.41
N PRO B 623 -32.53 22.24 -29.37
CA PRO B 623 -32.46 21.14 -28.39
C PRO B 623 -31.27 20.21 -28.59
N TRP B 624 -30.68 20.17 -29.79
CA TRP B 624 -29.43 19.45 -29.96
C TRP B 624 -28.28 20.11 -29.23
N GLY B 625 -28.34 21.44 -29.06
CA GLY B 625 -27.28 22.16 -28.37
C GLY B 625 -27.17 21.85 -26.89
N LEU B 626 -28.20 21.23 -26.31
CA LEU B 626 -28.09 20.71 -24.96
C LEU B 626 -27.44 19.33 -24.96
N TRP B 627 -27.97 18.43 -25.79
CA TRP B 627 -27.57 17.03 -25.79
C TRP B 627 -26.34 16.77 -26.65
N LYS B 628 -25.80 17.79 -27.31
CA LYS B 628 -24.46 17.67 -27.90
C LYS B 628 -23.41 17.48 -26.81
N ASN B 629 -23.63 18.09 -25.65
CA ASN B 629 -22.72 18.02 -24.54
C ASN B 629 -22.86 16.73 -23.74
N HIS B 630 -23.99 16.05 -23.85
CA HIS B 630 -24.21 14.80 -23.15
C HIS B 630 -23.79 13.59 -23.96
N VAL B 631 -23.68 13.72 -25.28
CA VAL B 631 -23.11 12.63 -26.06
C VAL B 631 -21.60 12.77 -26.18
N ALA B 632 -21.05 13.95 -25.90
CA ALA B 632 -19.61 14.11 -25.88
C ALA B 632 -19.02 13.74 -24.53
N LEU B 633 -19.82 13.76 -23.47
CA LEU B 633 -19.40 13.19 -22.20
C LEU B 633 -19.60 11.68 -22.17
N ALA B 634 -20.57 11.17 -22.91
CA ALA B 634 -20.74 9.73 -23.02
C ALA B 634 -19.66 9.10 -23.87
N CYS B 635 -19.17 9.81 -24.89
CA CYS B 635 -18.02 9.33 -25.65
C CYS B 635 -16.72 9.49 -24.88
N MET B 636 -16.69 10.32 -23.85
CA MET B 636 -15.54 10.35 -22.97
C MET B 636 -15.61 9.31 -21.87
N ILE B 637 -16.79 8.82 -21.53
CA ILE B 637 -16.88 7.70 -20.60
C ILE B 637 -16.45 6.41 -21.28
N VAL B 638 -16.89 6.19 -22.53
CA VAL B 638 -16.58 4.95 -23.24
C VAL B 638 -15.09 4.88 -23.59
N ILE B 639 -14.50 6.01 -23.98
CA ILE B 639 -13.09 6.00 -24.38
C ILE B 639 -12.19 5.85 -23.17
N PHE B 640 -12.46 6.58 -22.09
CA PHE B 640 -11.60 6.52 -20.91
C PHE B 640 -11.77 5.22 -20.14
N LEU B 641 -12.90 4.55 -20.24
CA LEU B 641 -13.08 3.25 -19.63
C LEU B 641 -12.64 2.10 -20.52
N THR B 642 -12.33 2.37 -21.79
CA THR B 642 -11.67 1.39 -22.63
C THR B 642 -10.16 1.47 -22.50
N ILE B 643 -9.63 2.68 -22.32
CA ILE B 643 -8.21 2.84 -21.98
C ILE B 643 -7.93 2.21 -20.63
N ALA B 644 -8.82 2.40 -19.65
CA ALA B 644 -8.60 1.90 -18.31
C ALA B 644 -8.75 0.40 -18.22
N TYR B 645 -9.61 -0.17 -19.07
CA TYR B 645 -9.74 -1.63 -19.11
C TYR B 645 -8.51 -2.27 -19.72
N LEU B 646 -8.05 -1.75 -20.86
CA LEU B 646 -6.87 -2.28 -21.54
C LEU B 646 -5.59 -2.04 -20.77
N LYS B 647 -5.56 -1.05 -19.88
CA LYS B 647 -4.39 -0.85 -19.04
C LYS B 647 -4.31 -1.86 -17.91
N LEU B 648 -5.44 -2.47 -17.53
CA LEU B 648 -5.43 -3.60 -16.63
C LEU B 648 -5.28 -4.91 -17.38
N LEU B 649 -5.77 -4.96 -18.62
CA LEU B 649 -5.68 -6.19 -19.41
C LEU B 649 -4.24 -6.44 -19.87
N PHE B 650 -3.56 -5.41 -20.35
CA PHE B 650 -2.19 -5.56 -20.84
C PHE B 650 -1.16 -5.24 -19.78
N LEU B 651 -1.55 -5.22 -18.52
CA LEU B 651 -0.60 -5.10 -17.43
C LEU B 651 0.23 -6.36 -17.34
N LYS B 652 1.54 -6.19 -17.14
CA LYS B 652 2.43 -7.32 -16.96
C LYS B 652 2.30 -7.82 -15.54
N LYS B 653 1.69 -8.99 -15.38
CA LYS B 653 1.32 -9.51 -14.08
C LYS B 653 2.24 -10.63 -13.61
N TYR B 654 3.35 -10.86 -14.28
CA TYR B 654 4.33 -11.87 -13.91
C TYR B 654 4.99 -11.56 -12.57
PG ATP C . 2.08 -18.16 14.72
O1G ATP C . 2.47 -16.81 14.21
O2G ATP C . 1.25 -18.96 13.78
O3G ATP C . 3.19 -18.94 15.34
PB ATP C . 1.33 -17.02 17.23
O1B ATP C . 2.39 -16.01 16.94
O2B ATP C . 1.53 -17.97 18.36
O3B ATP C . 1.05 -17.90 15.92
PA ATP C . -0.33 -14.79 17.90
O1A ATP C . -0.28 -13.79 16.78
O2A ATP C . 0.44 -14.55 19.14
O3A ATP C . -0.08 -16.29 17.40
O5' ATP C . -1.87 -14.89 18.31
C5' ATP C . -2.40 -16.01 19.00
C4' ATP C . -3.88 -16.11 18.66
O4' ATP C . -4.54 -14.96 19.13
C3' ATP C . -4.10 -16.16 17.17
O3' ATP C . -4.98 -17.24 16.88
C2' ATP C . -4.79 -14.87 16.79
O2' ATP C . -5.88 -15.16 15.92
C1' ATP C . -5.28 -14.31 18.10
N9 ATP C . -5.02 -12.85 18.19
C8 ATP C . -3.98 -12.28 18.80
N7 ATP C . -4.04 -10.94 18.71
C5 ATP C . -5.15 -10.65 18.03
C6 ATP C . -5.82 -9.41 17.57
N6 ATP C . -5.29 -8.20 17.83
N1 ATP C . -6.98 -9.54 16.89
C2 ATP C . -7.50 -10.74 16.61
N3 ATP C . -6.95 -11.90 17.00
C4 ATP C . -5.80 -11.91 17.69
MG MG D . 3.70 -15.07 15.11
PG ATP E . 13.94 -18.89 -0.12
O1G ATP E . 12.66 -18.17 -0.44
O2G ATP E . 14.82 -18.19 0.87
O3G ATP E . 13.79 -20.35 0.16
PB ATP E . 14.40 -19.33 -2.90
O1B ATP E . 12.91 -19.36 -3.01
O2B ATP E . 15.17 -20.57 -3.17
O3B ATP E . 14.83 -18.81 -1.44
PA ATP E . 14.32 -17.54 -5.14
O1A ATP E . 13.35 -16.42 -4.86
O2A ATP E . 13.91 -18.66 -6.03
O3A ATP E . 14.97 -18.14 -3.81
O5' ATP E . 15.60 -16.85 -5.79
C5' ATP E . 16.88 -17.46 -5.81
C4' ATP E . 17.92 -16.36 -5.86
O4' ATP E . 17.76 -15.64 -7.07
C3' ATP E . 17.74 -15.35 -4.76
O3' ATP E . 19.00 -15.16 -4.12
C2' ATP E . 17.31 -14.06 -5.39
O2' ATP E . 18.07 -13.00 -4.83
C1' ATP E . 17.62 -14.25 -6.85
N9 ATP E . 16.53 -13.74 -7.71
C8 ATP E . 15.55 -14.49 -8.24
N7 ATP E . 14.71 -13.73 -8.98
C5 ATP E . 15.15 -12.47 -8.91
C6 ATP E . 14.73 -11.17 -9.45
N6 ATP E . 13.64 -11.07 -10.24
N1 ATP E . 15.48 -10.09 -9.15
C2 ATP E . 16.56 -10.19 -8.37
N3 ATP E . 17.01 -11.33 -7.85
C4 ATP E . 16.35 -12.49 -8.07
MG MG F . 10.90 -18.57 -1.82
#